data_5C98
#
_entry.id   5C98
#
_cell.length_a   40.419
_cell.length_b   87.485
_cell.length_c   194.794
_cell.angle_alpha   90.000
_cell.angle_beta   90.000
_cell.angle_gamma   90.000
#
_symmetry.space_group_name_H-M   'P 21 21 21'
#
loop_
_entity.id
_entity.type
_entity.pdbx_description
1 polymer AGAP007691-PB
2 water water
#
_entity_poly.entity_id   1
_entity_poly.type   'polypeptide(L)'
_entity_poly.pdbx_seq_one_letter_code
;MGHHHHHHGDPTTDDAIVAANNKFTLEYFKACYDEKCNCAVSPYHVRLALSMFYPLAGAAVQEDFQVAFGLPEDVHAAIE
QQQRLAQQLHDGQHLKALSFVLVEETLRLDSEFERLFHRTFQTTVEPVDLTDDIPSALAVNSFYQRANTEIEDFIGEGDV
FSLPPCHKLMLFSGVSVLTPLAIRFNPADTALELFQFINAPTQRVSTMHTTAFVRRCLHNELRCKVVDMPFDAASGLSML
VLLPYDGTELRQIVNSITPAHLAQIDERLQSCWTDLKLPKFFVREKTDPKQTLGKLGYGGVFEIDDLHVFHDSGRTRLNG
FIQHCYLAVSESGSGIPAPPDTPSEFEFHANRPFMFLIRRTMDGNVLQVGNFSKYIDPDEQF
;
_entity_poly.pdbx_strand_id   A,B
#
# COMPACT_ATOMS: atom_id res chain seq x y z
N ASP A 14 7.66 17.66 33.05
CA ASP A 14 7.47 16.32 32.47
C ASP A 14 7.19 16.35 30.97
N ASP A 15 6.38 17.29 30.50
CA ASP A 15 6.13 17.42 29.07
C ASP A 15 7.43 17.62 28.31
N ALA A 16 8.32 18.45 28.86
CA ALA A 16 9.60 18.72 28.23
C ALA A 16 10.50 17.49 28.24
N ILE A 17 10.49 16.71 29.32
CA ILE A 17 11.30 15.49 29.38
C ILE A 17 10.87 14.52 28.29
N VAL A 18 9.54 14.32 28.13
CA VAL A 18 9.04 13.40 27.12
C VAL A 18 9.39 13.88 25.72
N ALA A 19 9.16 15.17 25.47
CA ALA A 19 9.49 15.70 24.14
C ALA A 19 10.96 15.48 23.82
N ALA A 20 11.83 15.73 24.80
CA ALA A 20 13.26 15.62 24.56
C ALA A 20 13.65 14.17 24.40
N ASN A 21 13.05 13.29 25.19
CA ASN A 21 13.36 11.88 25.07
C ASN A 21 12.93 11.33 23.73
N ASN A 22 11.75 11.71 23.24
CA ASN A 22 11.29 11.18 21.97
C ASN A 22 12.19 11.64 20.83
N LYS A 23 12.62 12.90 20.84
CA LYS A 23 13.52 13.41 19.81
C LYS A 23 14.85 12.64 19.84
N PHE A 24 15.42 12.48 21.03
CA PHE A 24 16.68 11.74 21.17
C PHE A 24 16.51 10.27 20.76
N THR A 25 15.39 9.68 21.13
CA THR A 25 15.12 8.27 20.83
C THR A 25 15.12 8.02 19.33
N LEU A 26 14.44 8.86 18.57
CA LEU A 26 14.40 8.66 17.12
C LEU A 26 15.75 8.92 16.49
N GLU A 27 16.50 9.93 16.97
CA GLU A 27 17.85 10.15 16.45
C GLU A 27 18.75 8.97 16.74
N TYR A 28 18.68 8.46 17.97
CA TYR A 28 19.50 7.30 18.33
C TYR A 28 19.15 6.09 17.47
N PHE A 29 17.86 5.83 17.28
CA PHE A 29 17.47 4.68 16.47
C PHE A 29 17.97 4.82 15.04
N LYS A 30 17.88 6.02 14.45
CA LYS A 30 18.41 6.22 13.10
C LYS A 30 19.89 5.92 13.05
N ALA A 31 20.62 6.21 14.13
CA ALA A 31 22.06 5.96 14.14
C ALA A 31 22.40 4.50 14.30
N CYS A 32 21.52 3.67 14.87
CA CYS A 32 21.83 2.26 14.99
C CYS A 32 21.06 1.34 14.04
N TYR A 33 20.01 1.83 13.37
CA TYR A 33 19.23 0.98 12.48
C TYR A 33 20.11 0.44 11.39
N ASP A 34 19.97 -0.86 11.11
CA ASP A 34 20.63 -1.53 10.01
C ASP A 34 19.54 -2.32 9.32
N GLU A 35 19.22 -1.96 8.07
CA GLU A 35 18.07 -2.56 7.40
C GLU A 35 18.19 -4.08 7.30
N LYS A 36 19.39 -4.63 7.42
CA LYS A 36 19.62 -6.05 7.28
C LYS A 36 19.38 -6.83 8.58
N CYS A 37 19.15 -6.16 9.69
CA CYS A 37 19.09 -6.76 11.02
C CYS A 37 17.81 -6.39 11.74
N ASN A 38 17.45 -7.20 12.73
CA ASN A 38 16.40 -6.84 13.67
C ASN A 38 17.02 -6.05 14.79
N CYS A 39 16.24 -5.17 15.40
CA CYS A 39 16.78 -4.29 16.43
C CYS A 39 15.69 -4.00 17.44
N ALA A 40 16.09 -3.89 18.71
CA ALA A 40 15.29 -3.26 19.75
C ALA A 40 16.28 -2.54 20.64
N VAL A 41 16.02 -1.27 20.90
CA VAL A 41 16.84 -0.44 21.78
C VAL A 41 15.92 0.39 22.68
N SER A 42 16.47 0.86 23.81
CA SER A 42 15.77 1.80 24.69
C SER A 42 16.69 2.97 24.95
N PRO A 43 16.66 3.96 24.07
CA PRO A 43 17.44 5.19 24.33
C PRO A 43 17.08 5.82 25.66
N TYR A 44 15.81 5.74 26.06
CA TYR A 44 15.40 6.30 27.34
C TYR A 44 16.18 5.67 28.46
N HIS A 45 16.33 4.33 28.46
CA HIS A 45 17.10 3.73 29.54
C HIS A 45 18.60 3.98 29.38
N VAL A 46 19.10 4.14 28.15
CA VAL A 46 20.47 4.60 27.96
C VAL A 46 20.69 5.89 28.73
N ARG A 47 19.79 6.85 28.53
CA ARG A 47 19.83 8.13 29.26
C ARG A 47 19.75 7.92 30.76
N LEU A 48 18.80 7.11 31.21
CA LEU A 48 18.61 6.99 32.65
C LEU A 48 19.81 6.34 33.30
N ALA A 49 20.34 5.29 32.68
CA ALA A 49 21.46 4.59 33.28
C ALA A 49 22.72 5.46 33.26
N LEU A 50 23.02 6.06 32.12
CA LEU A 50 24.23 6.86 32.04
CA LEU A 50 24.22 6.89 32.03
C LEU A 50 24.14 8.08 32.95
N SER A 51 22.95 8.60 33.17
CA SER A 51 22.75 9.78 34.00
CA SER A 51 22.85 9.80 33.97
C SER A 51 23.24 9.56 35.43
N MET A 52 23.29 8.30 35.89
CA MET A 52 23.79 8.03 37.23
C MET A 52 25.21 8.53 37.40
N PHE A 53 25.98 8.59 36.31
CA PHE A 53 27.35 9.08 36.41
C PHE A 53 27.46 10.59 36.31
N TYR A 54 26.38 11.30 35.96
CA TYR A 54 26.47 12.75 35.81
C TYR A 54 26.98 13.46 37.05
N PRO A 55 26.57 13.11 38.26
CA PRO A 55 27.11 13.81 39.43
C PRO A 55 28.60 13.57 39.65
N LEU A 56 29.17 12.54 39.05
CA LEU A 56 30.56 12.17 39.21
C LEU A 56 31.44 12.71 38.10
N ALA A 57 30.85 13.42 37.16
CA ALA A 57 31.52 13.75 35.91
C ALA A 57 32.13 15.13 35.99
N GLY A 58 33.26 15.30 35.30
CA GLY A 58 33.88 16.59 35.16
C GLY A 58 33.15 17.45 34.14
N ALA A 59 33.71 18.63 33.89
CA ALA A 59 33.02 19.63 33.10
C ALA A 59 32.70 19.15 31.70
N ALA A 60 33.64 18.46 31.04
CA ALA A 60 33.44 18.04 29.66
C ALA A 60 32.26 17.08 29.53
N VAL A 61 32.19 16.08 30.41
CA VAL A 61 31.11 15.10 30.31
C VAL A 61 29.80 15.69 30.83
N GLN A 62 29.83 16.52 31.87
CA GLN A 62 28.58 17.16 32.28
C GLN A 62 27.98 17.96 31.14
N GLU A 63 28.80 18.68 30.36
CA GLU A 63 28.30 19.41 29.21
C GLU A 63 27.68 18.45 28.20
N ASP A 64 28.39 17.37 27.87
CA ASP A 64 27.86 16.37 26.95
C ASP A 64 26.48 15.90 27.40
N PHE A 65 26.32 15.60 28.69
CA PHE A 65 25.06 15.03 29.14
C PHE A 65 23.96 16.08 29.16
N GLN A 66 24.31 17.34 29.42
CA GLN A 66 23.34 18.42 29.30
C GLN A 66 22.84 18.53 27.88
N VAL A 67 23.73 18.42 26.91
CA VAL A 67 23.34 18.53 25.51
C VAL A 67 22.53 17.31 25.08
N ALA A 68 23.06 16.13 25.35
CA ALA A 68 22.47 14.90 24.84
C ALA A 68 21.10 14.64 25.44
N PHE A 69 20.98 14.83 26.75
CA PHE A 69 19.82 14.37 27.50
C PHE A 69 19.02 15.50 28.14
N GLY A 70 19.50 16.75 28.09
CA GLY A 70 18.81 17.84 28.74
C GLY A 70 18.86 17.80 30.25
N LEU A 71 19.89 17.19 30.83
CA LEU A 71 19.96 17.08 32.28
C LEU A 71 20.05 18.47 32.93
N PRO A 72 19.46 18.67 34.09
CA PRO A 72 19.58 19.94 34.81
C PRO A 72 21.04 20.27 35.17
N GLU A 73 21.36 21.56 35.09
CA GLU A 73 22.65 22.03 35.61
C GLU A 73 22.72 21.87 37.12
N ASP A 74 21.58 21.89 37.80
CA ASP A 74 21.49 21.64 39.24
C ASP A 74 21.65 20.13 39.39
N VAL A 75 22.82 19.67 39.81
CA VAL A 75 23.11 18.26 39.88
C VAL A 75 22.21 17.57 40.89
N HIS A 76 21.89 18.25 42.00
CA HIS A 76 20.99 17.67 42.97
C HIS A 76 19.62 17.40 42.35
N ALA A 77 19.12 18.33 41.54
CA ALA A 77 17.85 18.13 40.85
C ALA A 77 17.95 17.02 39.81
N ALA A 78 19.10 16.90 39.12
CA ALA A 78 19.28 15.83 38.15
C ALA A 78 19.21 14.46 38.81
N ILE A 79 19.80 14.34 40.01
CA ILE A 79 19.74 13.06 40.74
C ILE A 79 18.29 12.75 41.06
N GLU A 80 17.56 13.71 41.63
CA GLU A 80 16.16 13.47 41.98
C GLU A 80 15.34 13.13 40.74
N GLN A 81 15.62 13.80 39.63
CA GLN A 81 14.90 13.52 38.38
C GLN A 81 15.19 12.09 37.92
N GLN A 82 16.45 11.68 37.93
CA GLN A 82 16.78 10.34 37.49
C GLN A 82 16.02 9.32 38.34
N GLN A 83 15.97 9.56 39.65
CA GLN A 83 15.33 8.60 40.56
C GLN A 83 13.86 8.46 40.23
N ARG A 84 13.19 9.60 40.05
CA ARG A 84 11.75 9.60 39.76
C ARG A 84 11.47 8.91 38.43
N LEU A 85 12.25 9.24 37.41
CA LEU A 85 12.00 8.68 36.09
C LEU A 85 12.30 7.20 36.04
N ALA A 86 13.37 6.76 36.70
CA ALA A 86 13.72 5.35 36.69
C ALA A 86 12.68 4.52 37.44
N GLN A 87 12.14 5.06 38.53
CA GLN A 87 11.14 4.32 39.29
C GLN A 87 9.84 4.19 38.50
N GLN A 88 9.49 5.21 37.73
CA GLN A 88 8.29 5.16 36.90
C GLN A 88 8.45 4.16 35.76
N LEU A 89 9.66 4.05 35.19
CA LEU A 89 9.89 3.19 34.02
C LEU A 89 9.86 1.72 34.41
N HIS A 90 10.65 1.34 35.39
CA HIS A 90 10.69 -0.04 35.82
C HIS A 90 9.39 -0.40 36.51
N ASP A 91 8.69 -1.40 36.01
CA ASP A 91 7.32 -1.65 36.41
C ASP A 91 7.09 -3.16 36.47
N GLY A 92 7.74 -3.79 37.44
CA GLY A 92 7.52 -5.16 37.81
C GLY A 92 7.29 -6.14 36.68
N GLN A 93 6.08 -6.66 36.62
CA GLN A 93 5.72 -7.72 35.71
C GLN A 93 5.53 -7.23 34.27
N HIS A 94 5.47 -5.92 34.07
CA HIS A 94 5.09 -5.38 32.77
C HIS A 94 6.27 -5.00 31.90
N LEU A 95 7.27 -4.35 32.49
CA LEU A 95 8.43 -3.87 31.78
C LEU A 95 9.53 -3.82 32.81
N LYS A 96 10.64 -4.48 32.53
CA LYS A 96 11.80 -4.46 33.40
C LYS A 96 12.89 -3.63 32.75
N ALA A 97 13.35 -2.61 33.47
CA ALA A 97 14.44 -1.73 33.00
C ALA A 97 15.45 -1.70 34.15
N LEU A 98 16.55 -2.42 33.95
CA LEU A 98 17.50 -2.71 35.03
C LEU A 98 18.89 -2.37 34.57
N SER A 99 19.59 -1.56 35.35
CA SER A 99 21.01 -1.29 35.11
C SER A 99 21.88 -2.09 36.05
N PHE A 100 23.13 -2.29 35.61
CA PHE A 100 24.07 -3.10 36.36
C PHE A 100 25.45 -2.52 36.05
N VAL A 101 26.29 -2.43 37.06
CA VAL A 101 27.58 -1.81 36.94
C VAL A 101 28.64 -2.79 37.41
N LEU A 102 29.70 -2.96 36.61
CA LEU A 102 30.89 -3.65 37.04
C LEU A 102 31.98 -2.63 37.37
N VAL A 103 32.65 -2.84 38.49
CA VAL A 103 33.83 -2.05 38.88
C VAL A 103 34.96 -3.01 39.19
N GLU A 104 36.18 -2.58 38.87
CA GLU A 104 37.36 -3.38 39.21
C GLU A 104 37.50 -3.52 40.72
N GLU A 105 37.53 -4.77 41.18
CA GLU A 105 37.45 -5.05 42.61
C GLU A 105 38.68 -4.60 43.39
N THR A 106 39.83 -4.44 42.74
CA THR A 106 41.02 -4.10 43.51
C THR A 106 41.17 -2.60 43.76
N LEU A 107 40.25 -1.77 43.26
CA LEU A 107 40.32 -0.32 43.45
C LEU A 107 39.26 0.10 44.46
N ARG A 108 39.70 0.74 45.54
CA ARG A 108 38.76 1.30 46.49
C ARG A 108 37.90 2.36 45.84
N LEU A 109 36.61 2.32 46.12
CA LEU A 109 35.64 3.27 45.59
C LEU A 109 35.64 4.58 46.38
N ASP A 110 35.35 5.66 45.68
CA ASP A 110 35.17 6.94 46.35
C ASP A 110 33.87 6.94 47.13
N SER A 111 33.86 7.71 48.23
CA SER A 111 32.71 7.73 49.14
C SER A 111 31.45 8.27 48.48
N GLU A 112 31.56 9.23 47.56
CA GLU A 112 30.36 9.75 46.92
C GLU A 112 29.81 8.75 45.91
N PHE A 113 30.69 8.04 45.20
CA PHE A 113 30.21 6.97 44.32
C PHE A 113 29.45 5.93 45.13
N GLU A 114 29.99 5.52 46.26
CA GLU A 114 29.31 4.54 47.10
C GLU A 114 27.95 5.06 47.55
N ARG A 115 27.90 6.32 48.01
CA ARG A 115 26.63 6.88 48.46
C ARG A 115 25.60 6.82 47.32
N LEU A 116 25.99 7.27 46.13
CA LEU A 116 25.06 7.37 45.04
C LEU A 116 24.67 5.99 44.50
N PHE A 117 25.65 5.12 44.30
CA PHE A 117 25.38 3.86 43.60
C PHE A 117 24.94 2.75 44.53
N HIS A 118 25.27 2.83 45.82
CA HIS A 118 24.84 1.80 46.76
C HIS A 118 23.62 2.19 47.54
N ARG A 119 23.40 3.49 47.75
CA ARG A 119 22.39 3.96 48.68
C ARG A 119 21.44 5.02 48.12
N THR A 120 21.53 5.36 46.83
CA THR A 120 20.63 6.37 46.24
C THR A 120 19.95 5.83 44.98
N PHE A 121 20.72 5.48 43.96
CA PHE A 121 20.14 5.07 42.69
C PHE A 121 19.66 3.62 42.77
N GLN A 122 18.64 3.33 41.97
CA GLN A 122 18.08 1.98 41.78
C GLN A 122 18.97 1.31 40.74
N THR A 123 20.00 0.63 41.24
CA THR A 123 20.98 -0.05 40.41
C THR A 123 21.68 -1.07 41.30
N THR A 124 22.51 -1.89 40.67
CA THR A 124 23.36 -2.85 41.37
C THR A 124 24.78 -2.72 40.83
N VAL A 125 25.73 -2.57 41.74
CA VAL A 125 27.14 -2.53 41.42
C VAL A 125 27.77 -3.80 41.95
N GLU A 126 28.53 -4.50 41.11
CA GLU A 126 29.28 -5.66 41.55
C GLU A 126 30.77 -5.47 41.29
N PRO A 127 31.62 -5.52 42.32
CA PRO A 127 33.07 -5.55 42.09
C PRO A 127 33.48 -6.92 41.56
N VAL A 128 34.29 -6.91 40.51
CA VAL A 128 34.76 -8.16 39.91
C VAL A 128 36.21 -7.96 39.49
N ASP A 129 36.85 -9.07 39.14
CA ASP A 129 38.17 -9.02 38.53
C ASP A 129 37.98 -8.75 37.06
N LEU A 130 38.07 -7.48 36.67
CA LEU A 130 37.90 -7.08 35.27
C LEU A 130 39.09 -7.45 34.39
N THR A 131 40.19 -7.93 34.95
CA THR A 131 41.24 -8.54 34.15
C THR A 131 40.87 -9.94 33.67
N ASP A 132 39.75 -10.50 34.16
CA ASP A 132 39.33 -11.87 33.86
C ASP A 132 37.94 -11.86 33.26
N ASP A 133 37.83 -12.13 31.96
CA ASP A 133 36.54 -12.00 31.31
C ASP A 133 35.52 -13.05 31.78
N ILE A 134 35.96 -14.16 32.37
CA ILE A 134 35.01 -15.24 32.68
C ILE A 134 34.13 -14.85 33.87
N PRO A 135 34.70 -14.48 35.02
CA PRO A 135 33.84 -14.04 36.14
C PRO A 135 33.14 -12.75 35.86
N SER A 136 33.77 -11.87 35.07
CA SER A 136 33.13 -10.61 34.74
C SER A 136 31.84 -10.81 33.97
N ALA A 137 31.88 -11.66 32.94
CA ALA A 137 30.66 -11.94 32.18
C ALA A 137 29.64 -12.70 33.01
N LEU A 138 30.10 -13.61 33.87
CA LEU A 138 29.17 -14.38 34.68
C LEU A 138 28.39 -13.49 35.65
N ALA A 139 29.04 -12.47 36.20
CA ALA A 139 28.32 -11.58 37.10
C ALA A 139 27.18 -10.90 36.38
N VAL A 140 27.41 -10.43 35.15
CA VAL A 140 26.36 -9.77 34.39
C VAL A 140 25.27 -10.75 34.03
N ASN A 141 25.65 -11.88 33.46
CA ASN A 141 24.65 -12.82 32.95
C ASN A 141 23.80 -13.38 34.10
N SER A 142 24.42 -13.67 35.25
CA SER A 142 23.65 -14.20 36.37
CA SER A 142 23.68 -14.18 36.42
C SER A 142 22.69 -13.15 36.94
N PHE A 143 23.09 -11.88 36.96
CA PHE A 143 22.19 -10.83 37.43
C PHE A 143 20.92 -10.79 36.58
N TYR A 144 21.08 -10.76 35.26
CA TYR A 144 19.91 -10.64 34.40
C TYR A 144 19.11 -11.93 34.37
N GLN A 145 19.76 -13.08 34.61
CA GLN A 145 19.02 -14.34 34.76
C GLN A 145 18.16 -14.32 36.02
N ARG A 146 18.73 -13.90 37.14
CA ARG A 146 17.98 -13.85 38.40
C ARG A 146 16.85 -12.83 38.33
N ALA A 147 16.96 -11.83 37.45
CA ALA A 147 15.95 -10.81 37.32
C ALA A 147 14.73 -11.30 36.55
N ASN A 148 14.80 -12.51 35.99
CA ASN A 148 13.66 -13.14 35.30
C ASN A 148 13.08 -12.20 34.26
N THR A 149 13.94 -11.81 33.32
CA THR A 149 13.62 -10.77 32.36
C THR A 149 13.76 -11.27 30.92
N GLU A 150 13.76 -12.59 30.74
CA GLU A 150 13.78 -13.21 29.42
C GLU A 150 15.09 -13.00 28.67
N ILE A 151 16.18 -12.69 29.36
CA ILE A 151 17.51 -12.50 28.75
C ILE A 151 18.46 -13.38 29.55
N GLU A 152 18.71 -14.59 29.05
CA GLU A 152 19.52 -15.58 29.76
C GLU A 152 20.99 -15.52 29.37
N ASP A 153 21.34 -14.85 28.28
CA ASP A 153 22.73 -14.70 27.83
C ASP A 153 22.93 -13.23 27.47
N PHE A 154 22.98 -12.41 28.50
CA PHE A 154 23.00 -10.97 28.29
C PHE A 154 24.24 -10.54 27.49
N ILE A 155 25.42 -11.09 27.80
CA ILE A 155 26.67 -10.70 27.15
C ILE A 155 27.51 -11.96 26.98
N GLY A 156 28.50 -11.84 26.10
CA GLY A 156 29.57 -12.81 25.99
C GLY A 156 30.83 -12.29 26.65
N GLU A 157 31.77 -13.20 26.85
CA GLU A 157 33.04 -12.80 27.46
C GLU A 157 33.74 -11.72 26.64
N GLY A 158 33.59 -11.75 25.32
CA GLY A 158 34.21 -10.73 24.49
C GLY A 158 33.74 -9.32 24.78
N ASP A 159 32.53 -9.17 25.31
CA ASP A 159 31.98 -7.85 25.55
C ASP A 159 32.64 -7.16 26.74
N VAL A 160 33.24 -7.93 27.64
CA VAL A 160 33.88 -7.36 28.83
C VAL A 160 35.39 -7.53 28.80
N PHE A 161 35.94 -8.16 27.77
CA PHE A 161 37.36 -8.47 27.73
C PHE A 161 38.20 -7.23 27.45
N SER A 162 39.39 -7.19 28.06
CA SER A 162 40.39 -6.20 27.72
C SER A 162 41.79 -6.74 28.01
N LEU A 163 42.75 -6.34 27.17
CA LEU A 163 44.15 -6.56 27.51
C LEU A 163 44.60 -5.45 28.45
N PRO A 164 45.73 -5.64 29.17
CA PRO A 164 46.22 -4.59 30.07
C PRO A 164 46.52 -3.32 29.30
N PRO A 165 46.23 -2.13 29.86
CA PRO A 165 45.59 -1.93 31.17
C PRO A 165 44.11 -2.21 31.08
N CYS A 166 43.63 -3.09 31.94
CA CYS A 166 42.29 -3.62 31.81
C CYS A 166 41.23 -2.58 32.21
N HIS A 167 40.00 -2.85 31.80
CA HIS A 167 38.89 -1.96 32.10
C HIS A 167 38.68 -1.83 33.60
N LYS A 168 38.20 -0.64 34.02
CA LYS A 168 37.88 -0.37 35.42
C LYS A 168 36.39 -0.24 35.69
N LEU A 169 35.57 0.06 34.68
CA LEU A 169 34.19 0.51 34.90
C LEU A 169 33.37 0.18 33.67
N MET A 170 32.28 -0.57 33.84
CA MET A 170 31.41 -0.92 32.72
C MET A 170 29.96 -0.88 33.16
N LEU A 171 29.10 -0.50 32.21
CA LEU A 171 27.69 -0.28 32.48
C LEU A 171 26.86 -1.18 31.58
N PHE A 172 25.71 -1.66 32.07
CA PHE A 172 24.80 -2.53 31.35
C PHE A 172 23.37 -2.07 31.58
N SER A 173 22.56 -2.17 30.51
CA SER A 173 21.14 -1.84 30.56
C SER A 173 20.37 -2.98 29.95
N GLY A 174 19.38 -3.49 30.66
CA GLY A 174 18.43 -4.44 30.11
C GLY A 174 17.04 -3.85 30.12
N VAL A 175 16.33 -3.85 28.98
CA VAL A 175 14.94 -3.38 28.93
C VAL A 175 14.10 -4.47 28.24
N SER A 176 13.20 -5.06 29.00
CA SER A 176 12.36 -6.16 28.53
C SER A 176 10.92 -5.79 28.68
N VAL A 177 10.18 -5.84 27.58
CA VAL A 177 8.74 -5.65 27.60
C VAL A 177 8.13 -7.04 27.75
N LEU A 178 7.43 -7.25 28.85
CA LEU A 178 6.93 -8.58 29.22
C LEU A 178 5.42 -8.69 29.23
N THR A 179 4.70 -7.59 29.18
CA THR A 179 3.25 -7.65 29.26
CA THR A 179 3.24 -7.62 29.25
C THR A 179 2.67 -8.23 27.97
N PRO A 180 1.62 -9.03 28.05
CA PRO A 180 1.01 -9.57 26.82
C PRO A 180 0.24 -8.49 26.09
N LEU A 181 0.07 -8.70 24.79
CA LEU A 181 -0.86 -7.86 24.03
C LEU A 181 -2.27 -8.01 24.59
N ALA A 182 -3.02 -6.91 24.50
CA ALA A 182 -4.42 -6.92 24.86
C ALA A 182 -5.32 -7.31 23.71
N ILE A 183 -4.77 -7.41 22.52
CA ILE A 183 -5.53 -7.84 21.35
C ILE A 183 -5.66 -9.35 21.39
N ARG A 184 -6.87 -9.83 21.08
CA ARG A 184 -7.18 -11.26 21.09
C ARG A 184 -6.88 -11.83 19.70
N PHE A 185 -5.72 -12.45 19.56
CA PHE A 185 -5.42 -13.31 18.42
C PHE A 185 -5.78 -14.75 18.78
N ASN A 186 -6.41 -15.46 17.85
CA ASN A 186 -6.81 -16.82 18.10
CA ASN A 186 -6.84 -16.85 18.07
C ASN A 186 -5.80 -17.78 17.49
N PRO A 187 -5.18 -18.67 18.28
CA PRO A 187 -4.17 -19.57 17.69
C PRO A 187 -4.73 -20.50 16.65
N ALA A 188 -6.04 -20.77 16.64
CA ALA A 188 -6.61 -21.56 15.54
C ALA A 188 -6.48 -20.83 14.21
N ASP A 189 -6.27 -19.51 14.25
CA ASP A 189 -6.17 -18.69 13.07
C ASP A 189 -4.71 -18.39 12.69
N THR A 190 -3.77 -18.86 13.49
CA THR A 190 -2.36 -18.71 13.18
C THR A 190 -1.96 -19.75 12.14
N ALA A 191 -1.24 -19.32 11.11
CA ALA A 191 -0.82 -20.21 10.06
C ALA A 191 0.51 -19.75 9.50
N LEU A 192 1.17 -20.63 8.77
CA LEU A 192 2.41 -20.28 8.09
C LEU A 192 2.07 -19.41 6.90
N GLU A 193 2.57 -18.18 6.91
CA GLU A 193 2.34 -17.25 5.82
C GLU A 193 3.66 -16.60 5.45
N LEU A 194 3.74 -16.20 4.18
CA LEU A 194 4.91 -15.51 3.70
C LEU A 194 5.12 -14.22 4.49
N PHE A 195 6.38 -13.93 4.81
CA PHE A 195 6.77 -12.61 5.29
C PHE A 195 7.97 -12.19 4.44
N GLN A 196 7.96 -10.97 3.94
CA GLN A 196 8.96 -10.52 2.98
C GLN A 196 10.22 -10.07 3.71
N PHE A 197 10.93 -11.04 4.29
CA PHE A 197 12.15 -10.73 5.00
C PHE A 197 13.20 -10.20 4.03
N ILE A 198 14.02 -9.28 4.52
CA ILE A 198 15.05 -8.69 3.65
C ILE A 198 16.03 -9.77 3.15
N ASN A 199 16.31 -10.77 3.98
CA ASN A 199 17.25 -11.85 3.64
C ASN A 199 16.57 -13.12 3.15
N ALA A 200 15.24 -13.15 3.09
CA ALA A 200 14.48 -14.35 2.72
C ALA A 200 13.07 -13.93 2.33
N PRO A 201 12.90 -13.33 1.14
CA PRO A 201 11.64 -12.63 0.84
C PRO A 201 10.43 -13.53 0.66
N THR A 202 10.61 -14.86 0.56
CA THR A 202 9.48 -15.76 0.43
C THR A 202 9.38 -16.74 1.59
N GLN A 203 10.16 -16.53 2.65
CA GLN A 203 10.09 -17.44 3.79
C GLN A 203 8.75 -17.34 4.48
N ARG A 204 8.21 -18.49 4.88
CA ARG A 204 6.94 -18.56 5.60
C ARG A 204 7.18 -18.76 7.09
N VAL A 205 6.43 -18.01 7.90
CA VAL A 205 6.54 -18.07 9.35
C VAL A 205 5.15 -17.99 9.98
N SER A 206 5.07 -18.46 11.22
CA SER A 206 3.82 -18.39 11.97
CA SER A 206 3.81 -18.38 11.95
C SER A 206 3.32 -16.95 12.00
N THR A 207 2.09 -16.75 11.50
CA THR A 207 1.51 -15.43 11.35
C THR A 207 0.14 -15.41 12.02
N MET A 208 -0.04 -14.47 12.93
CA MET A 208 -1.28 -14.33 13.69
CA MET A 208 -1.29 -14.36 13.67
C MET A 208 -2.30 -13.52 12.89
N HIS A 209 -3.58 -13.78 13.14
CA HIS A 209 -4.65 -13.12 12.41
C HIS A 209 -5.83 -12.89 13.34
N THR A 210 -6.38 -11.68 13.31
CA THR A 210 -7.61 -11.45 14.06
C THR A 210 -8.33 -10.25 13.45
N THR A 211 -9.55 -10.06 13.92
CA THR A 211 -10.30 -8.84 13.67
C THR A 211 -10.37 -8.11 15.00
N ALA A 212 -9.76 -6.94 15.07
CA ALA A 212 -9.63 -6.20 16.31
C ALA A 212 -10.10 -4.77 16.11
N PHE A 213 -10.61 -4.17 17.19
CA PHE A 213 -11.06 -2.79 17.18
C PHE A 213 -9.91 -1.94 17.72
N VAL A 214 -8.99 -1.60 16.81
CA VAL A 214 -7.74 -0.96 17.17
C VAL A 214 -7.67 0.46 16.61
N ARG A 215 -6.92 1.31 17.29
CA ARG A 215 -6.59 2.63 16.77
C ARG A 215 -5.67 2.51 15.55
N ARG A 216 -6.03 3.18 14.48
CA ARG A 216 -5.33 3.05 13.21
C ARG A 216 -5.36 4.37 12.47
N CYS A 217 -4.42 4.55 11.56
CA CYS A 217 -4.49 5.64 10.60
C CYS A 217 -3.58 5.36 9.42
N LEU A 218 -3.82 6.08 8.35
CA LEU A 218 -2.84 6.18 7.28
C LEU A 218 -1.99 7.41 7.54
N HIS A 219 -0.74 7.37 7.09
CA HIS A 219 0.12 8.56 7.14
C HIS A 219 0.76 8.70 5.77
N ASN A 220 0.14 9.54 4.91
CA ASN A 220 0.60 9.58 3.53
C ASN A 220 1.97 10.23 3.43
N GLU A 221 2.30 11.17 4.32
CA GLU A 221 3.61 11.83 4.21
C GLU A 221 4.74 10.89 4.62
N LEU A 222 4.55 10.11 5.68
CA LEU A 222 5.54 9.12 6.09
C LEU A 222 5.50 7.88 5.21
N ARG A 223 4.41 7.70 4.46
CA ARG A 223 4.21 6.56 3.56
C ARG A 223 4.07 5.26 4.33
N CYS A 224 3.19 5.24 5.33
CA CYS A 224 2.96 4.02 6.08
C CYS A 224 1.55 3.95 6.63
N LYS A 225 1.08 2.72 6.85
CA LYS A 225 -0.06 2.46 7.69
C LYS A 225 0.39 2.36 9.14
N VAL A 226 -0.50 2.69 10.07
CA VAL A 226 -0.19 2.69 11.49
C VAL A 226 -1.30 2.01 12.25
N VAL A 227 -0.94 1.13 13.17
CA VAL A 227 -1.87 0.65 14.18
C VAL A 227 -1.19 0.78 15.53
N ASP A 228 -1.96 1.11 16.55
CA ASP A 228 -1.44 1.16 17.93
C ASP A 228 -2.05 -0.03 18.66
N MET A 229 -1.20 -1.01 18.97
CA MET A 229 -1.62 -2.31 19.50
C MET A 229 -1.38 -2.30 21.01
N PRO A 230 -2.41 -2.20 21.83
CA PRO A 230 -2.17 -2.07 23.27
C PRO A 230 -1.74 -3.37 23.93
N PHE A 231 -0.95 -3.22 24.96
CA PHE A 231 -0.71 -4.29 25.92
C PHE A 231 -1.75 -4.25 27.03
N ASP A 232 -1.72 -5.29 27.87
CA ASP A 232 -2.63 -5.43 28.99
C ASP A 232 -2.80 -4.10 29.73
N ALA A 233 -4.05 -3.81 30.10
CA ALA A 233 -4.39 -2.50 30.62
C ALA A 233 -3.52 -2.09 31.80
N ALA A 234 -3.15 -3.06 32.65
CA ALA A 234 -2.39 -2.73 33.85
C ALA A 234 -0.99 -2.21 33.52
N SER A 235 -0.48 -2.48 32.33
CA SER A 235 0.85 -2.02 31.95
C SER A 235 0.89 -0.56 31.56
N GLY A 236 -0.22 -0.01 31.08
CA GLY A 236 -0.19 1.33 30.52
C GLY A 236 0.66 1.50 29.29
N LEU A 237 0.95 0.42 28.57
CA LEU A 237 1.84 0.47 27.41
C LEU A 237 1.10 0.08 26.13
N SER A 238 1.64 0.51 25.00
CA SER A 238 1.07 0.15 23.71
C SER A 238 2.18 0.14 22.68
N MET A 239 1.99 -0.66 21.63
CA MET A 239 3.00 -0.82 20.59
C MET A 239 2.48 -0.22 19.30
N LEU A 240 3.10 0.87 18.86
CA LEU A 240 2.79 1.46 17.59
CA LEU A 240 2.83 1.49 17.58
C LEU A 240 3.57 0.72 16.52
N VAL A 241 2.87 0.26 15.49
CA VAL A 241 3.48 -0.48 14.40
C VAL A 241 3.34 0.35 13.14
N LEU A 242 4.46 0.62 12.49
CA LEU A 242 4.51 1.42 11.27
C LEU A 242 4.88 0.47 10.13
N LEU A 243 3.94 0.29 9.20
CA LEU A 243 4.11 -0.62 8.07
C LEU A 243 4.20 0.19 6.80
N PRO A 244 5.36 0.24 6.16
CA PRO A 244 5.50 1.04 4.94
C PRO A 244 4.50 0.64 3.88
N TYR A 245 4.02 1.63 3.13
CA TYR A 245 3.20 1.31 1.98
C TYR A 245 4.02 0.46 1.00
N ASP A 246 3.33 -0.29 0.15
CA ASP A 246 4.01 -0.95 -0.96
C ASP A 246 4.80 0.07 -1.77
N GLY A 247 5.94 -0.37 -2.29
CA GLY A 247 6.84 0.48 -3.04
C GLY A 247 7.68 1.42 -2.20
N THR A 248 7.66 1.27 -0.88
CA THR A 248 8.42 2.11 0.03
C THR A 248 9.25 1.21 0.93
N GLU A 249 10.52 1.54 1.07
CA GLU A 249 11.44 0.80 1.91
C GLU A 249 11.29 1.22 3.37
N LEU A 250 11.44 0.27 4.29
CA LEU A 250 11.40 0.60 5.70
C LEU A 250 12.44 1.66 6.05
N ARG A 251 13.61 1.61 5.41
CA ARG A 251 14.64 2.60 5.73
C ARG A 251 14.12 4.03 5.54
N GLN A 252 13.24 4.23 4.56
CA GLN A 252 12.69 5.58 4.35
C GLN A 252 11.86 6.03 5.55
N ILE A 253 11.05 5.13 6.12
CA ILE A 253 10.26 5.49 7.29
C ILE A 253 11.19 5.75 8.47
N VAL A 254 12.16 4.87 8.70
CA VAL A 254 13.02 4.99 9.85
C VAL A 254 13.79 6.29 9.79
N ASN A 255 14.29 6.67 8.60
CA ASN A 255 15.07 7.89 8.51
C ASN A 255 14.21 9.13 8.52
N SER A 256 12.96 9.03 8.08
CA SER A 256 12.08 10.17 7.97
CA SER A 256 12.13 10.21 8.00
C SER A 256 11.44 10.57 9.30
N ILE A 257 11.19 9.60 10.18
CA ILE A 257 10.27 9.84 11.28
C ILE A 257 10.85 10.84 12.29
N THR A 258 10.01 11.75 12.73
CA THR A 258 10.33 12.72 13.78
C THR A 258 9.23 12.74 14.81
N PRO A 259 9.47 13.40 15.94
CA PRO A 259 8.38 13.56 16.92
C PRO A 259 7.16 14.26 16.35
N ALA A 260 7.34 15.14 15.36
CA ALA A 260 6.18 15.78 14.75
C ALA A 260 5.27 14.75 14.12
N HIS A 261 5.85 13.71 13.51
CA HIS A 261 5.02 12.66 12.94
C HIS A 261 4.28 11.89 14.02
N LEU A 262 4.93 11.62 15.15
CA LEU A 262 4.26 10.96 16.25
C LEU A 262 3.08 11.77 16.75
N ALA A 263 3.24 13.10 16.82
CA ALA A 263 2.13 13.96 17.22
C ALA A 263 1.00 13.90 16.21
N GLN A 264 1.33 13.89 14.92
CA GLN A 264 0.30 13.80 13.89
C GLN A 264 -0.43 12.46 13.96
N ILE A 265 0.31 11.39 14.16
CA ILE A 265 -0.30 10.09 14.35
C ILE A 265 -1.25 10.12 15.51
N ASP A 266 -0.82 10.65 16.66
CA ASP A 266 -1.69 10.71 17.83
C ASP A 266 -2.99 11.46 17.52
N GLU A 267 -2.95 12.48 16.66
CA GLU A 267 -4.16 13.24 16.34
C GLU A 267 -5.06 12.51 15.37
N ARG A 268 -4.48 11.65 14.52
CA ARG A 268 -5.21 10.98 13.45
C ARG A 268 -5.72 9.59 13.82
N LEU A 269 -5.11 8.94 14.81
CA LEU A 269 -5.54 7.60 15.15
C LEU A 269 -7.01 7.59 15.57
N GLN A 270 -7.74 6.61 15.06
CA GLN A 270 -9.13 6.39 15.37
C GLN A 270 -9.37 4.89 15.46
N SER A 271 -10.12 4.48 16.47
CA SER A 271 -10.42 3.07 16.65
C SER A 271 -11.31 2.58 15.52
N CYS A 272 -10.99 1.39 15.02
CA CYS A 272 -11.62 0.91 13.81
C CYS A 272 -11.48 -0.60 13.75
N TRP A 273 -12.55 -1.30 13.36
CA TRP A 273 -12.46 -2.74 13.21
C TRP A 273 -11.47 -3.05 12.09
N THR A 274 -10.40 -3.77 12.43
CA THR A 274 -9.26 -3.95 11.54
C THR A 274 -8.96 -5.42 11.37
N ASP A 275 -8.77 -5.85 10.12
CA ASP A 275 -8.29 -7.19 9.84
C ASP A 275 -6.78 -7.14 9.96
N LEU A 276 -6.27 -7.72 11.04
CA LEU A 276 -4.89 -7.58 11.46
CA LEU A 276 -4.89 -7.58 11.47
C LEU A 276 -4.15 -8.89 11.27
N LYS A 277 -2.99 -8.82 10.62
CA LYS A 277 -2.08 -9.94 10.50
C LYS A 277 -0.70 -9.47 10.90
N LEU A 278 -0.01 -10.28 11.72
CA LEU A 278 1.29 -9.89 12.29
C LEU A 278 2.04 -11.20 12.51
N PRO A 279 3.32 -11.31 12.17
CA PRO A 279 4.06 -12.50 12.58
C PRO A 279 4.08 -12.65 14.09
N LYS A 280 4.04 -13.91 14.56
CA LYS A 280 4.29 -14.21 15.96
C LYS A 280 5.81 -14.08 16.15
N PHE A 281 6.27 -12.94 16.64
CA PHE A 281 7.68 -12.61 16.56
C PHE A 281 8.21 -12.22 17.92
N PHE A 282 9.52 -12.26 18.03
CA PHE A 282 10.22 -11.63 19.12
C PHE A 282 11.45 -10.95 18.55
N VAL A 283 11.99 -10.03 19.34
CA VAL A 283 13.29 -9.42 19.09
C VAL A 283 14.03 -9.46 20.41
N ARG A 284 15.22 -10.03 20.39
CA ARG A 284 16.10 -10.02 21.56
C ARG A 284 17.47 -9.65 21.03
N GLU A 285 17.91 -8.42 21.30
CA GLU A 285 19.05 -7.86 20.59
C GLU A 285 19.98 -7.13 21.53
N LYS A 286 21.27 -7.47 21.44
CA LYS A 286 22.34 -6.81 22.15
C LYS A 286 22.88 -5.70 21.27
N THR A 287 23.03 -4.51 21.83
CA THR A 287 23.54 -3.35 21.12
C THR A 287 24.59 -2.66 21.97
N ASP A 288 25.22 -1.64 21.40
CA ASP A 288 26.40 -1.00 21.98
C ASP A 288 26.15 0.50 22.04
N PRO A 289 25.52 0.99 23.09
CA PRO A 289 25.38 2.44 23.28
C PRO A 289 26.67 3.21 23.15
N LYS A 290 27.81 2.64 23.55
CA LYS A 290 29.05 3.38 23.40
C LYS A 290 29.30 3.74 21.94
N GLN A 291 29.07 2.80 21.03
CA GLN A 291 29.22 3.07 19.61
C GLN A 291 28.18 4.06 19.09
N THR A 292 26.91 3.86 19.46
CA THR A 292 25.84 4.72 18.95
C THR A 292 25.96 6.15 19.48
N LEU A 293 26.23 6.30 20.78
CA LEU A 293 26.44 7.64 21.32
C LEU A 293 27.64 8.32 20.68
N GLY A 294 28.69 7.56 20.38
CA GLY A 294 29.81 8.12 19.65
C GLY A 294 29.40 8.68 18.31
N LYS A 295 28.58 7.93 17.56
CA LYS A 295 28.08 8.37 16.26
C LYS A 295 27.24 9.66 16.37
N LEU A 296 26.53 9.83 17.47
CA LEU A 296 25.71 11.02 17.70
C LEU A 296 26.52 12.22 18.19
N GLY A 297 27.81 12.06 18.47
CA GLY A 297 28.64 13.15 18.97
C GLY A 297 28.80 13.19 20.46
N TYR A 298 28.37 12.16 21.17
CA TYR A 298 28.40 12.16 22.63
C TYR A 298 29.35 11.08 23.14
N GLY A 299 30.48 10.94 22.47
CA GLY A 299 31.43 9.94 22.87
C GLY A 299 32.31 10.33 24.03
N GLY A 300 32.20 11.58 24.51
CA GLY A 300 33.15 12.10 25.49
C GLY A 300 33.31 11.24 26.73
N VAL A 301 32.21 10.75 27.30
CA VAL A 301 32.29 9.94 28.52
C VAL A 301 33.09 8.67 28.30
N PHE A 302 33.20 8.22 27.05
CA PHE A 302 33.95 7.01 26.74
C PHE A 302 35.38 7.32 26.31
N GLU A 303 35.71 8.59 26.04
CA GLU A 303 36.95 8.99 25.41
C GLU A 303 37.78 9.95 26.25
N ILE A 304 37.21 10.55 27.28
CA ILE A 304 37.91 11.45 28.20
C ILE A 304 37.79 10.83 29.58
N ASP A 305 38.89 10.84 30.33
CA ASP A 305 38.89 10.31 31.70
C ASP A 305 38.31 11.37 32.61
N ASP A 306 37.00 11.28 32.87
CA ASP A 306 36.28 12.36 33.49
C ASP A 306 35.36 11.96 34.65
N LEU A 307 35.25 10.67 34.98
CA LEU A 307 34.35 10.23 36.05
C LEU A 307 35.09 9.93 37.34
N HIS A 308 34.61 10.51 38.43
CA HIS A 308 35.21 10.29 39.75
C HIS A 308 34.51 9.11 40.41
N VAL A 309 35.10 7.93 40.24
CA VAL A 309 34.55 6.69 40.77
C VAL A 309 35.40 6.14 41.91
N PHE A 310 36.72 6.23 41.78
CA PHE A 310 37.63 5.56 42.69
C PHE A 310 38.30 6.51 43.68
N HIS A 311 38.76 5.92 44.78
CA HIS A 311 39.35 6.69 45.85
C HIS A 311 40.67 7.33 45.45
N ASP A 312 41.60 6.54 44.91
CA ASP A 312 42.96 7.03 44.68
C ASP A 312 43.55 6.51 43.37
N SER A 313 42.76 6.52 42.29
CA SER A 313 43.29 6.12 40.99
C SER A 313 43.07 7.14 39.87
N GLY A 314 42.47 8.28 40.16
CA GLY A 314 42.22 9.29 39.15
C GLY A 314 40.93 9.06 38.39
N ARG A 315 40.40 10.15 37.83
CA ARG A 315 39.16 10.04 37.07
C ARG A 315 39.31 9.03 35.95
N THR A 316 38.22 8.35 35.63
CA THR A 316 38.22 7.30 34.64
C THR A 316 37.13 7.54 33.60
N ARG A 317 37.37 7.07 32.39
CA ARG A 317 36.31 6.99 31.40
C ARG A 317 35.43 5.78 31.68
N LEU A 318 34.26 5.78 31.07
CA LEU A 318 33.42 4.59 31.06
C LEU A 318 33.96 3.68 29.98
N ASN A 319 34.40 2.47 30.36
CA ASN A 319 35.08 1.59 29.40
C ASN A 319 34.14 0.87 28.44
N GLY A 320 32.86 0.73 28.79
CA GLY A 320 31.90 0.07 27.95
C GLY A 320 30.50 0.30 28.44
N PHE A 321 29.55 0.22 27.53
CA PHE A 321 28.13 0.31 27.87
C PHE A 321 27.39 -0.55 26.86
N ILE A 322 26.84 -1.67 27.30
CA ILE A 322 26.08 -2.61 26.48
C ILE A 322 24.64 -2.60 26.94
N GLN A 323 23.72 -2.64 25.97
CA GLN A 323 22.30 -2.78 26.22
C GLN A 323 21.78 -4.05 25.57
N HIS A 324 20.80 -4.69 26.21
CA HIS A 324 20.12 -5.86 25.66
C HIS A 324 18.65 -5.70 25.91
N CYS A 325 17.86 -5.77 24.83
CA CYS A 325 16.43 -5.53 24.91
C CYS A 325 15.67 -6.74 24.42
N TYR A 326 14.45 -6.88 24.93
CA TYR A 326 13.58 -7.99 24.60
C TYR A 326 12.15 -7.49 24.42
N LEU A 327 11.47 -8.05 23.43
CA LEU A 327 10.05 -7.87 23.18
C LEU A 327 9.54 -9.11 22.48
N ALA A 328 8.34 -9.58 22.83
CA ALA A 328 7.68 -10.66 22.10
C ALA A 328 6.19 -10.37 22.01
N VAL A 329 5.53 -10.91 20.98
CA VAL A 329 4.08 -10.85 20.89
C VAL A 329 3.51 -12.26 20.75
N SER A 330 2.26 -12.44 21.18
CA SER A 330 1.65 -13.75 21.19
C SER A 330 0.13 -13.58 21.23
N GLU A 331 -0.58 -14.72 21.23
CA GLU A 331 -2.04 -14.70 21.19
C GLU A 331 -2.65 -14.48 22.58
N SER A 332 -3.92 -14.10 22.61
CA SER A 332 -4.64 -13.87 23.85
C SER A 332 -5.68 -14.96 24.10
N GLY A 333 -5.99 -15.16 25.38
CA GLY A 333 -6.94 -16.18 25.77
C GLY A 333 -8.28 -15.62 26.15
N SER A 334 -8.66 -14.49 25.56
CA SER A 334 -9.98 -13.88 25.81
C SER A 334 -10.76 -13.69 24.51
N SER A 344 -15.12 -5.51 9.42
CA SER A 344 -13.84 -4.81 9.45
C SER A 344 -13.75 -3.74 8.37
N GLU A 345 -13.15 -2.61 8.72
CA GLU A 345 -13.09 -1.43 7.84
C GLU A 345 -11.66 -0.97 7.54
N PHE A 346 -10.66 -1.76 7.92
CA PHE A 346 -9.27 -1.41 7.67
C PHE A 346 -8.54 -2.74 7.60
N GLU A 347 -7.57 -2.85 6.71
CA GLU A 347 -6.69 -4.00 6.65
C GLU A 347 -5.30 -3.55 7.07
N PHE A 348 -4.68 -4.33 7.93
CA PHE A 348 -3.28 -4.10 8.33
C PHE A 348 -2.61 -5.46 8.36
N HIS A 349 -1.99 -5.81 7.25
CA HIS A 349 -1.33 -7.11 7.08
C HIS A 349 0.17 -6.86 7.05
N ALA A 350 0.80 -7.05 8.20
CA ALA A 350 2.22 -6.74 8.35
C ALA A 350 3.02 -7.94 7.88
N ASN A 351 3.22 -8.00 6.56
CA ASN A 351 3.89 -9.11 5.88
C ASN A 351 5.16 -8.65 5.19
N ARG A 352 5.67 -7.50 5.63
CA ARG A 352 6.92 -6.94 5.16
C ARG A 352 7.52 -6.16 6.31
N PRO A 353 8.80 -5.81 6.23
CA PRO A 353 9.49 -5.23 7.38
C PRO A 353 8.78 -4.02 7.93
N PHE A 354 8.77 -3.93 9.26
CA PHE A 354 8.06 -2.85 9.93
C PHE A 354 8.89 -2.35 11.10
N MET A 355 8.57 -1.14 11.53
CA MET A 355 9.13 -0.52 12.72
C MET A 355 8.09 -0.55 13.83
N PHE A 356 8.56 -0.65 15.08
CA PHE A 356 7.67 -0.61 16.22
C PHE A 356 8.20 0.35 17.27
N LEU A 357 7.29 0.95 18.02
CA LEU A 357 7.61 1.86 19.12
C LEU A 357 6.76 1.46 20.31
N ILE A 358 7.41 1.15 21.44
CA ILE A 358 6.69 0.84 22.66
C ILE A 358 6.58 2.13 23.45
N ARG A 359 5.34 2.54 23.73
CA ARG A 359 5.07 3.83 24.34
C ARG A 359 4.24 3.69 25.60
N ARG A 360 4.47 4.58 26.54
CA ARG A 360 3.56 4.75 27.67
C ARG A 360 2.34 5.49 27.16
N THR A 361 1.15 4.89 27.29
CA THR A 361 -0.03 5.45 26.65
C THR A 361 -0.38 6.83 27.20
N MET A 362 -0.10 7.08 28.48
CA MET A 362 -0.54 8.30 29.14
C MET A 362 0.10 9.54 28.54
N ASP A 363 1.40 9.48 28.22
CA ASP A 363 2.16 10.65 27.78
C ASP A 363 2.84 10.48 26.43
N GLY A 364 2.73 9.32 25.79
CA GLY A 364 3.38 9.09 24.52
C GLY A 364 4.88 8.91 24.58
N ASN A 365 5.45 8.73 25.77
CA ASN A 365 6.90 8.59 25.85
C ASN A 365 7.32 7.26 25.25
N VAL A 366 8.33 7.30 24.40
CA VAL A 366 8.83 6.10 23.75
C VAL A 366 9.87 5.42 24.64
N LEU A 367 9.57 4.18 25.03
CA LEU A 367 10.38 3.43 25.96
C LEU A 367 11.29 2.42 25.27
N GLN A 368 10.93 1.97 24.07
CA GLN A 368 11.70 0.97 23.34
C GLN A 368 11.30 1.17 21.89
N VAL A 369 12.26 0.99 20.97
CA VAL A 369 12.00 1.16 19.54
C VAL A 369 12.81 0.12 18.80
N GLY A 370 12.31 -0.31 17.65
CA GLY A 370 13.01 -1.34 16.92
C GLY A 370 12.36 -1.63 15.59
N ASN A 371 12.86 -2.68 14.96
CA ASN A 371 12.34 -3.11 13.67
C ASN A 371 12.41 -4.62 13.57
N PHE A 372 11.50 -5.17 12.76
CA PHE A 372 11.46 -6.58 12.44
C PHE A 372 11.54 -6.71 10.93
N SER A 373 12.70 -7.20 10.45
CA SER A 373 13.04 -7.24 9.04
C SER A 373 13.67 -8.55 8.59
N LYS A 374 14.34 -9.30 9.49
CA LYS A 374 15.26 -10.37 9.13
C LYS A 374 14.73 -11.71 9.64
N TYR A 375 14.90 -12.72 8.78
CA TYR A 375 14.56 -14.08 9.14
C TYR A 375 15.74 -14.72 9.88
N ILE A 376 15.49 -15.16 11.11
CA ILE A 376 16.46 -15.89 11.93
C ILE A 376 15.84 -17.26 12.19
N ASP A 377 16.43 -18.30 11.61
CA ASP A 377 15.92 -19.66 11.74
C ASP A 377 16.22 -20.13 13.16
N PRO A 378 15.21 -20.44 13.98
CA PRO A 378 15.49 -20.85 15.35
C PRO A 378 16.16 -22.21 15.46
N ASP A 379 16.03 -23.09 14.44
CA ASP A 379 16.77 -24.35 14.45
C ASP A 379 18.25 -24.14 14.13
N GLU A 380 18.61 -22.97 13.61
CA GLU A 380 19.99 -22.62 13.28
C GLU A 380 20.63 -21.71 14.32
N GLN A 381 19.88 -20.73 14.83
CA GLN A 381 20.40 -19.72 15.74
C GLN A 381 19.37 -19.36 16.79
N ASP B 14 -0.65 -6.97 -38.06
CA ASP B 14 -1.56 -6.05 -37.35
C ASP B 14 -0.90 -5.44 -36.11
N ASP B 15 0.40 -5.69 -35.92
CA ASP B 15 1.11 -5.15 -34.77
C ASP B 15 0.97 -3.64 -34.68
N ALA B 16 1.05 -2.95 -35.81
CA ALA B 16 0.93 -1.50 -35.82
C ALA B 16 -0.47 -1.06 -35.45
N ILE B 17 -1.49 -1.79 -35.90
CA ILE B 17 -2.86 -1.45 -35.55
C ILE B 17 -3.05 -1.56 -34.04
N VAL B 18 -2.55 -2.65 -33.46
CA VAL B 18 -2.71 -2.85 -32.02
C VAL B 18 -1.96 -1.77 -31.25
N ALA B 19 -0.72 -1.48 -31.64
CA ALA B 19 0.04 -0.45 -30.93
C ALA B 19 -0.67 0.89 -31.01
N ALA B 20 -1.19 1.22 -32.18
CA ALA B 20 -1.86 2.51 -32.35
C ALA B 20 -3.15 2.54 -31.55
N ASN B 21 -3.90 1.43 -31.56
CA ASN B 21 -5.13 1.41 -30.78
C ASN B 21 -4.85 1.52 -29.29
N ASN B 22 -3.84 0.83 -28.78
CA ASN B 22 -3.58 0.91 -27.33
C ASN B 22 -3.15 2.31 -26.91
N LYS B 23 -2.34 2.98 -27.73
CA LYS B 23 -1.93 4.36 -27.43
C LYS B 23 -3.14 5.29 -27.42
N PHE B 24 -3.98 5.20 -28.45
CA PHE B 24 -5.20 6.01 -28.51
C PHE B 24 -6.12 5.69 -27.34
N THR B 25 -6.23 4.42 -26.99
CA THR B 25 -7.15 4.01 -25.93
C THR B 25 -6.79 4.65 -24.60
N LEU B 26 -5.50 4.62 -24.23
CA LEU B 26 -5.08 5.22 -22.97
C LEU B 26 -5.27 6.73 -22.97
N GLU B 27 -4.99 7.38 -24.12
CA GLU B 27 -5.23 8.82 -24.23
C GLU B 27 -6.70 9.16 -24.10
N TYR B 28 -7.55 8.37 -24.74
CA TYR B 28 -8.99 8.59 -24.67
C TYR B 28 -9.49 8.40 -23.25
N PHE B 29 -9.05 7.32 -22.58
CA PHE B 29 -9.53 7.09 -21.22
C PHE B 29 -9.10 8.21 -20.28
N LYS B 30 -7.87 8.68 -20.42
CA LYS B 30 -7.42 9.77 -19.57
C LYS B 30 -8.29 11.00 -19.79
N ALA B 31 -8.74 11.20 -21.02
CA ALA B 31 -9.56 12.37 -21.29
C ALA B 31 -11.00 12.22 -20.81
N CYS B 32 -11.55 11.01 -20.73
CA CYS B 32 -12.91 10.87 -20.23
C CYS B 32 -13.01 10.43 -18.78
N TYR B 33 -11.93 9.96 -18.16
CA TYR B 33 -11.98 9.53 -16.78
C TYR B 33 -12.48 10.65 -15.88
N ASP B 34 -13.42 10.30 -15.01
CA ASP B 34 -13.95 11.20 -13.99
C ASP B 34 -13.83 10.45 -12.68
N GLU B 35 -12.96 10.95 -11.79
CA GLU B 35 -12.69 10.35 -10.49
C GLU B 35 -13.97 9.95 -9.76
N LYS B 36 -15.04 10.71 -9.94
CA LYS B 36 -16.24 10.56 -9.14
C LYS B 36 -17.25 9.56 -9.70
N CYS B 37 -17.00 8.98 -10.87
CA CYS B 37 -17.96 8.11 -11.53
C CYS B 37 -17.30 6.79 -11.90
N ASN B 38 -18.14 5.80 -12.19
CA ASN B 38 -17.65 4.59 -12.84
C ASN B 38 -17.70 4.82 -14.33
N CYS B 39 -16.90 4.04 -15.05
CA CYS B 39 -16.76 4.24 -16.48
C CYS B 39 -16.35 2.94 -17.12
N ALA B 40 -16.86 2.74 -18.32
CA ALA B 40 -16.34 1.75 -19.23
C ALA B 40 -16.52 2.34 -20.62
N VAL B 41 -15.45 2.32 -21.40
CA VAL B 41 -15.46 2.78 -22.80
C VAL B 41 -14.68 1.83 -23.67
N SER B 42 -14.94 1.90 -24.98
CA SER B 42 -14.20 1.11 -25.98
C SER B 42 -13.71 2.07 -27.03
N PRO B 43 -12.56 2.66 -26.82
CA PRO B 43 -11.99 3.53 -27.86
C PRO B 43 -11.77 2.81 -29.18
N TYR B 44 -11.49 1.52 -29.14
CA TYR B 44 -11.31 0.76 -30.37
C TYR B 44 -12.59 0.78 -31.18
N HIS B 45 -13.75 0.55 -30.54
CA HIS B 45 -14.99 0.58 -31.29
C HIS B 45 -15.39 2.01 -31.67
N VAL B 46 -15.02 3.00 -30.88
CA VAL B 46 -15.18 4.40 -31.31
C VAL B 46 -14.50 4.57 -32.67
N ARG B 47 -13.26 4.10 -32.78
CA ARG B 47 -12.51 4.18 -34.04
C ARG B 47 -13.21 3.41 -35.15
N LEU B 48 -13.64 2.18 -34.86
CA LEU B 48 -14.17 1.35 -35.92
C LEU B 48 -15.48 1.92 -36.44
N ALA B 49 -16.34 2.39 -35.53
CA ALA B 49 -17.64 2.92 -35.93
C ALA B 49 -17.47 4.25 -36.65
N LEU B 50 -16.67 5.16 -36.08
CA LEU B 50 -16.56 6.46 -36.72
C LEU B 50 -15.85 6.36 -38.07
N SER B 51 -14.94 5.40 -38.22
CA SER B 51 -14.21 5.17 -39.47
CA SER B 51 -14.23 5.24 -39.48
C SER B 51 -15.13 4.87 -40.65
N MET B 52 -16.34 4.38 -40.38
CA MET B 52 -17.28 4.19 -41.48
C MET B 52 -17.55 5.48 -42.24
N PHE B 53 -17.41 6.63 -41.59
CA PHE B 53 -17.66 7.91 -42.23
C PHE B 53 -16.44 8.48 -42.95
N TYR B 54 -15.28 7.86 -42.78
CA TYR B 54 -14.06 8.35 -43.41
C TYR B 54 -14.19 8.50 -44.92
N PRO B 55 -14.78 7.56 -45.65
CA PRO B 55 -14.87 7.74 -47.12
C PRO B 55 -15.75 8.89 -47.52
N LEU B 56 -16.60 9.38 -46.64
CA LEU B 56 -17.59 10.41 -46.95
C LEU B 56 -17.13 11.78 -46.56
N ALA B 57 -15.96 11.89 -45.94
CA ALA B 57 -15.50 13.12 -45.34
C ALA B 57 -14.60 13.90 -46.28
N GLY B 58 -14.63 15.21 -46.13
CA GLY B 58 -13.69 16.08 -46.81
C GLY B 58 -12.30 16.01 -46.22
N ALA B 59 -11.40 16.79 -46.80
CA ALA B 59 -9.98 16.65 -46.48
C ALA B 59 -9.69 16.93 -45.02
N ALA B 60 -10.38 17.91 -44.43
CA ALA B 60 -10.07 18.31 -43.05
C ALA B 60 -10.38 17.18 -42.08
N VAL B 61 -11.54 16.54 -42.22
CA VAL B 61 -11.92 15.46 -41.34
C VAL B 61 -11.11 14.21 -41.66
N GLN B 62 -10.80 13.98 -42.93
CA GLN B 62 -9.96 12.83 -43.27
C GLN B 62 -8.60 12.93 -42.59
N GLU B 63 -8.02 14.12 -42.56
CA GLU B 63 -6.76 14.29 -41.84
C GLU B 63 -6.94 14.02 -40.35
N ASP B 64 -8.02 14.52 -39.74
CA ASP B 64 -8.25 14.23 -38.33
C ASP B 64 -8.27 12.73 -38.09
N PHE B 65 -8.92 11.96 -38.96
CA PHE B 65 -9.04 10.52 -38.74
C PHE B 65 -7.74 9.81 -38.99
N GLN B 66 -6.95 10.27 -39.97
CA GLN B 66 -5.61 9.71 -40.18
C GLN B 66 -4.78 9.90 -38.93
N VAL B 67 -4.80 11.10 -38.35
CA VAL B 67 -4.00 11.40 -37.18
C VAL B 67 -4.53 10.66 -35.96
N ALA B 68 -5.84 10.72 -35.73
CA ALA B 68 -6.40 10.15 -34.51
C ALA B 68 -6.27 8.63 -34.52
N PHE B 69 -6.59 7.99 -35.64
CA PHE B 69 -6.77 6.54 -35.68
C PHE B 69 -5.72 5.83 -36.53
N GLY B 70 -4.90 6.53 -37.29
CA GLY B 70 -3.95 5.88 -38.15
C GLY B 70 -4.55 5.27 -39.39
N LEU B 71 -5.72 5.74 -39.84
CA LEU B 71 -6.36 5.13 -40.99
C LEU B 71 -5.51 5.33 -42.25
N PRO B 72 -5.50 4.35 -43.14
CA PRO B 72 -4.79 4.51 -44.42
C PRO B 72 -5.26 5.73 -45.21
N GLU B 73 -4.32 6.40 -45.86
CA GLU B 73 -4.68 7.45 -46.81
C GLU B 73 -5.45 6.88 -48.00
N ASP B 74 -5.19 5.62 -48.35
CA ASP B 74 -5.96 4.93 -49.40
C ASP B 74 -7.32 4.59 -48.82
N VAL B 75 -8.36 5.29 -49.26
CA VAL B 75 -9.69 5.13 -48.66
C VAL B 75 -10.22 3.73 -48.91
N HIS B 76 -9.95 3.19 -50.09
CA HIS B 76 -10.36 1.83 -50.40
C HIS B 76 -9.76 0.83 -49.41
N ALA B 77 -8.46 0.98 -49.08
CA ALA B 77 -7.83 0.12 -48.08
C ALA B 77 -8.40 0.36 -46.69
N ALA B 78 -8.71 1.62 -46.38
CA ALA B 78 -9.33 1.96 -45.09
C ALA B 78 -10.67 1.26 -44.92
N ILE B 79 -11.46 1.19 -46.00
CA ILE B 79 -12.74 0.47 -45.94
C ILE B 79 -12.51 -1.01 -45.65
N GLU B 80 -11.60 -1.64 -46.41
CA GLU B 80 -11.33 -3.05 -46.20
C GLU B 80 -10.79 -3.31 -44.78
N GLN B 81 -9.94 -2.43 -44.29
CA GLN B 81 -9.41 -2.59 -42.94
C GLN B 81 -10.52 -2.53 -41.90
N GLN B 82 -11.40 -1.54 -42.01
CA GLN B 82 -12.50 -1.43 -41.06
C GLN B 82 -13.31 -2.72 -41.06
N GLN B 83 -13.61 -3.25 -42.25
CA GLN B 83 -14.44 -4.44 -42.34
C GLN B 83 -13.78 -5.60 -41.64
N ARG B 84 -12.49 -5.79 -41.88
CA ARG B 84 -11.76 -6.90 -41.29
C ARG B 84 -11.69 -6.76 -39.78
N LEU B 85 -11.36 -5.57 -39.28
CA LEU B 85 -11.20 -5.40 -37.85
C LEU B 85 -12.52 -5.50 -37.11
N ALA B 86 -13.61 -4.98 -37.71
CA ALA B 86 -14.90 -5.02 -37.05
C ALA B 86 -15.44 -6.44 -36.98
N GLN B 87 -15.26 -7.20 -38.05
CA GLN B 87 -15.63 -8.61 -38.04
C GLN B 87 -14.85 -9.40 -36.98
N GLN B 88 -13.55 -9.11 -36.84
CA GLN B 88 -12.74 -9.83 -35.84
C GLN B 88 -13.13 -9.47 -34.40
N LEU B 89 -13.58 -8.25 -34.16
CA LEU B 89 -13.92 -7.82 -32.80
C LEU B 89 -15.23 -8.43 -32.32
N HIS B 90 -16.27 -8.31 -33.13
CA HIS B 90 -17.58 -8.77 -32.71
C HIS B 90 -17.63 -10.30 -32.80
N ASP B 91 -17.75 -10.96 -31.66
CA ASP B 91 -17.78 -12.42 -31.55
CA ASP B 91 -17.79 -12.42 -31.67
C ASP B 91 -19.19 -12.98 -31.50
N GLY B 92 -20.17 -12.15 -31.13
CA GLY B 92 -21.56 -12.53 -31.10
C GLY B 92 -22.06 -13.03 -29.76
N GLN B 93 -21.19 -13.61 -28.94
CA GLN B 93 -21.64 -14.25 -27.72
C GLN B 93 -20.86 -13.75 -26.52
N HIS B 94 -19.53 -13.72 -26.65
CA HIS B 94 -18.67 -13.30 -25.56
C HIS B 94 -18.38 -11.82 -25.57
N LEU B 95 -18.37 -11.21 -26.75
CA LEU B 95 -18.13 -9.79 -26.88
C LEU B 95 -18.99 -9.29 -28.02
N LYS B 96 -19.94 -8.42 -27.73
CA LYS B 96 -20.76 -7.83 -28.76
C LYS B 96 -20.32 -6.39 -28.95
N ALA B 97 -20.05 -6.01 -30.19
CA ALA B 97 -19.63 -4.66 -30.57
C ALA B 97 -20.45 -4.26 -31.79
N LEU B 98 -21.44 -3.40 -31.60
CA LEU B 98 -22.44 -3.12 -32.62
C LEU B 98 -22.60 -1.63 -32.78
N SER B 99 -22.55 -1.16 -34.02
CA SER B 99 -22.85 0.22 -34.35
C SER B 99 -24.25 0.35 -34.94
N PHE B 100 -24.80 1.55 -34.78
CA PHE B 100 -26.16 1.85 -35.20
C PHE B 100 -26.18 3.30 -35.61
N VAL B 101 -26.88 3.60 -36.70
CA VAL B 101 -26.90 4.93 -37.29
C VAL B 101 -28.35 5.38 -37.43
N LEU B 102 -28.64 6.61 -36.99
CA LEU B 102 -29.90 7.27 -37.29
C LEU B 102 -29.69 8.33 -38.35
N VAL B 103 -30.60 8.38 -39.32
CA VAL B 103 -30.61 9.44 -40.33
C VAL B 103 -32.01 10.05 -40.37
N GLU B 104 -32.06 11.35 -40.70
CA GLU B 104 -33.34 12.03 -40.86
C GLU B 104 -34.11 11.44 -42.04
N GLU B 105 -35.31 10.94 -41.76
CA GLU B 105 -36.06 10.19 -42.75
C GLU B 105 -36.54 11.02 -43.93
N THR B 106 -36.67 12.35 -43.80
CA THR B 106 -37.20 13.14 -44.90
C THR B 106 -36.16 13.52 -45.94
N LEU B 107 -34.89 13.17 -45.74
CA LEU B 107 -33.80 13.53 -46.63
C LEU B 107 -33.35 12.30 -47.41
N ARG B 108 -33.40 12.38 -48.73
CA ARG B 108 -32.88 11.31 -49.57
C ARG B 108 -31.38 11.13 -49.36
N LEU B 109 -30.95 9.87 -49.25
CA LEU B 109 -29.55 9.54 -49.05
C LEU B 109 -28.78 9.56 -50.36
N ASP B 110 -27.50 9.90 -50.26
CA ASP B 110 -26.63 9.85 -51.41
C ASP B 110 -26.29 8.39 -51.73
N SER B 111 -26.05 8.13 -53.01
CA SER B 111 -25.82 6.76 -53.49
C SER B 111 -24.57 6.13 -52.87
N GLU B 112 -23.51 6.91 -52.64
CA GLU B 112 -22.32 6.33 -52.02
C GLU B 112 -22.56 5.98 -50.57
N PHE B 113 -23.26 6.83 -49.83
CA PHE B 113 -23.62 6.46 -48.46
C PHE B 113 -24.42 5.18 -48.46
N GLU B 114 -25.38 5.05 -49.37
CA GLU B 114 -26.18 3.83 -49.43
C GLU B 114 -25.29 2.63 -49.71
N ARG B 115 -24.39 2.74 -50.68
CA ARG B 115 -23.50 1.64 -51.00
C ARG B 115 -22.71 1.21 -49.78
N LEU B 116 -22.13 2.17 -49.06
CA LEU B 116 -21.25 1.82 -47.94
C LEU B 116 -22.04 1.34 -46.75
N PHE B 117 -23.15 2.01 -46.40
CA PHE B 117 -23.86 1.71 -45.17
C PHE B 117 -24.99 0.69 -45.31
N HIS B 118 -25.48 0.44 -46.53
CA HIS B 118 -26.47 -0.61 -46.78
C HIS B 118 -25.88 -1.85 -47.43
N ARG B 119 -24.73 -1.74 -48.11
CA ARG B 119 -24.20 -2.86 -48.89
C ARG B 119 -22.76 -3.22 -48.57
N THR B 120 -22.11 -2.57 -47.60
CA THR B 120 -20.69 -2.82 -47.33
C THR B 120 -20.40 -3.04 -45.85
N PHE B 121 -20.61 -2.03 -45.02
CA PHE B 121 -20.23 -2.12 -43.62
C PHE B 121 -21.20 -2.95 -42.82
N GLN B 122 -20.67 -3.56 -41.76
CA GLN B 122 -21.42 -4.28 -40.74
C GLN B 122 -22.00 -3.26 -39.75
N THR B 123 -23.20 -2.77 -40.08
CA THR B 123 -23.87 -1.74 -39.29
C THR B 123 -25.36 -1.76 -39.66
N THR B 124 -26.15 -1.01 -38.89
CA THR B 124 -27.57 -0.87 -39.15
C THR B 124 -27.88 0.60 -39.21
N VAL B 125 -28.56 1.03 -40.27
CA VAL B 125 -29.01 2.41 -40.45
C VAL B 125 -30.52 2.41 -40.37
N GLU B 126 -31.08 3.31 -39.57
CA GLU B 126 -32.53 3.43 -39.48
C GLU B 126 -32.92 4.89 -39.76
N PRO B 127 -33.75 5.15 -40.77
CA PRO B 127 -34.32 6.49 -40.93
C PRO B 127 -35.41 6.73 -39.90
N VAL B 128 -35.41 7.93 -39.32
CA VAL B 128 -36.40 8.31 -38.31
CA VAL B 128 -36.39 8.30 -38.30
C VAL B 128 -36.66 9.80 -38.42
N ASP B 129 -37.75 10.25 -37.78
CA ASP B 129 -38.05 11.68 -37.63
C ASP B 129 -37.17 12.18 -36.50
N LEU B 130 -35.99 12.73 -36.84
CA LEU B 130 -35.10 13.24 -35.82
C LEU B 130 -35.60 14.53 -35.20
N THR B 131 -36.73 15.08 -35.66
CA THR B 131 -37.36 16.17 -34.93
C THR B 131 -38.22 15.68 -33.75
N ASP B 132 -38.36 14.36 -33.59
CA ASP B 132 -39.24 13.72 -32.61
C ASP B 132 -38.41 12.72 -31.81
N ASP B 133 -38.18 13.02 -30.54
CA ASP B 133 -37.30 12.17 -29.76
C ASP B 133 -37.91 10.81 -29.44
N ILE B 134 -39.22 10.66 -29.49
CA ILE B 134 -39.87 9.40 -29.12
C ILE B 134 -39.48 8.28 -30.09
N PRO B 135 -39.79 8.40 -31.38
CA PRO B 135 -39.39 7.32 -32.31
C PRO B 135 -37.90 7.18 -32.42
N SER B 136 -37.17 8.28 -32.24
CA SER B 136 -35.71 8.25 -32.38
C SER B 136 -35.09 7.42 -31.28
N ALA B 137 -35.49 7.65 -30.02
CA ALA B 137 -34.94 6.88 -28.91
C ALA B 137 -35.40 5.44 -28.97
N LEU B 138 -36.65 5.21 -29.35
CA LEU B 138 -37.16 3.84 -29.42
C LEU B 138 -36.35 3.00 -30.42
N ALA B 139 -35.99 3.59 -31.56
CA ALA B 139 -35.24 2.84 -32.57
C ALA B 139 -33.92 2.36 -32.00
N VAL B 140 -33.17 3.27 -31.36
CA VAL B 140 -31.89 2.89 -30.76
C VAL B 140 -32.10 1.88 -29.64
N ASN B 141 -33.00 2.18 -28.70
CA ASN B 141 -33.16 1.29 -27.54
C ASN B 141 -33.63 -0.08 -27.98
N SER B 142 -34.56 -0.13 -28.94
CA SER B 142 -35.04 -1.41 -29.44
C SER B 142 -33.91 -2.21 -30.06
N PHE B 143 -33.06 -1.56 -30.85
CA PHE B 143 -32.00 -2.28 -31.54
C PHE B 143 -31.08 -2.96 -30.54
N TYR B 144 -30.66 -2.21 -29.53
CA TYR B 144 -29.69 -2.77 -28.60
C TYR B 144 -30.33 -3.79 -27.65
N GLN B 145 -31.61 -3.61 -27.31
CA GLN B 145 -32.34 -4.62 -26.54
C GLN B 145 -32.38 -5.93 -27.31
N ARG B 146 -32.78 -5.87 -28.58
CA ARG B 146 -32.99 -7.09 -29.35
C ARG B 146 -31.66 -7.76 -29.71
N ALA B 147 -30.57 -7.01 -29.76
CA ALA B 147 -29.29 -7.61 -30.09
C ALA B 147 -28.67 -8.35 -28.92
N ASN B 148 -29.38 -8.50 -27.80
CA ASN B 148 -28.89 -9.32 -26.67
C ASN B 148 -27.59 -8.77 -26.08
N THR B 149 -27.49 -7.45 -25.97
CA THR B 149 -26.26 -6.79 -25.49
C THR B 149 -26.25 -6.55 -23.98
N GLU B 150 -27.31 -6.90 -23.26
CA GLU B 150 -27.41 -6.60 -21.84
C GLU B 150 -27.53 -5.09 -21.57
N ILE B 151 -27.89 -4.29 -22.57
CA ILE B 151 -28.11 -2.86 -22.39
C ILE B 151 -29.56 -2.58 -22.76
N GLU B 152 -30.42 -2.40 -21.75
CA GLU B 152 -31.84 -2.25 -21.99
C GLU B 152 -32.30 -0.80 -22.09
N ASP B 153 -31.51 0.15 -21.60
CA ASP B 153 -31.80 1.57 -21.70
C ASP B 153 -30.58 2.25 -22.31
N PHE B 154 -30.34 1.96 -23.59
CA PHE B 154 -29.11 2.44 -24.22
C PHE B 154 -29.03 3.96 -24.16
N ILE B 155 -30.11 4.65 -24.53
CA ILE B 155 -30.17 6.09 -24.40
C ILE B 155 -31.49 6.49 -23.75
N GLY B 156 -31.52 7.74 -23.29
CA GLY B 156 -32.77 8.41 -22.96
C GLY B 156 -33.17 9.34 -24.10
N GLU B 157 -34.41 9.82 -24.04
CA GLU B 157 -34.87 10.74 -25.06
C GLU B 157 -33.96 11.96 -25.14
N GLY B 158 -33.46 12.41 -23.98
CA GLY B 158 -32.59 13.59 -23.96
C GLY B 158 -31.35 13.43 -24.82
N ASP B 159 -30.89 12.19 -25.01
CA ASP B 159 -29.66 11.94 -25.75
C ASP B 159 -29.83 12.16 -27.25
N VAL B 160 -31.06 12.04 -27.78
CA VAL B 160 -31.31 12.22 -29.21
C VAL B 160 -32.12 13.46 -29.50
N PHE B 161 -32.51 14.20 -28.48
CA PHE B 161 -33.39 15.35 -28.66
C PHE B 161 -32.62 16.53 -29.25
N SER B 162 -33.21 17.18 -30.25
CA SER B 162 -32.66 18.42 -30.72
C SER B 162 -33.82 19.35 -31.06
N LEU B 163 -33.55 20.62 -30.92
CA LEU B 163 -34.43 21.64 -31.42
C LEU B 163 -33.94 22.12 -32.77
N PRO B 164 -34.83 22.74 -33.57
CA PRO B 164 -34.42 23.16 -34.90
C PRO B 164 -33.30 24.20 -34.86
N PRO B 165 -32.34 24.13 -35.79
CA PRO B 165 -32.20 23.11 -36.84
C PRO B 165 -31.86 21.73 -36.24
N CYS B 166 -32.70 20.75 -36.51
CA CYS B 166 -32.60 19.47 -35.84
C CYS B 166 -31.49 18.62 -36.42
N HIS B 167 -31.06 17.66 -35.62
CA HIS B 167 -30.06 16.72 -36.07
C HIS B 167 -30.49 16.01 -37.35
N LYS B 168 -29.49 15.64 -38.15
CA LYS B 168 -29.68 14.85 -39.35
C LYS B 168 -29.03 13.48 -39.28
N LEU B 169 -28.04 13.32 -38.42
CA LEU B 169 -27.19 12.13 -38.46
C LEU B 169 -26.62 11.86 -37.07
N MET B 170 -26.86 10.65 -36.54
CA MET B 170 -26.33 10.28 -35.24
C MET B 170 -25.77 8.86 -35.29
N LEU B 171 -24.69 8.65 -34.53
CA LEU B 171 -24.00 7.37 -34.46
C LEU B 171 -24.03 6.83 -33.04
N PHE B 172 -24.14 5.49 -32.91
CA PHE B 172 -24.17 4.81 -31.62
C PHE B 172 -23.26 3.59 -31.67
N SER B 173 -22.59 3.34 -30.53
CA SER B 173 -21.72 2.18 -30.35
C SER B 173 -22.07 1.51 -29.05
N GLY B 174 -22.29 0.20 -29.09
CA GLY B 174 -22.45 -0.61 -27.90
C GLY B 174 -21.36 -1.66 -27.87
N VAL B 175 -20.62 -1.75 -26.76
CA VAL B 175 -19.63 -2.79 -26.55
C VAL B 175 -19.91 -3.49 -25.22
N SER B 176 -20.30 -4.77 -25.30
CA SER B 176 -20.62 -5.55 -24.12
C SER B 176 -19.72 -6.76 -24.01
N VAL B 177 -19.09 -6.92 -22.85
CA VAL B 177 -18.32 -8.10 -22.53
C VAL B 177 -19.27 -9.02 -21.77
N LEU B 178 -19.59 -10.15 -22.38
CA LEU B 178 -20.65 -11.01 -21.88
C LEU B 178 -20.14 -12.30 -21.25
N THR B 179 -18.89 -12.62 -21.40
CA THR B 179 -18.24 -13.85 -20.92
C THR B 179 -17.90 -13.75 -19.42
N PRO B 180 -18.09 -14.82 -18.63
CA PRO B 180 -17.69 -14.81 -17.22
C PRO B 180 -16.17 -14.92 -17.05
N LEU B 181 -15.64 -14.41 -15.93
CA LEU B 181 -14.24 -14.64 -15.56
C LEU B 181 -13.98 -16.13 -15.35
N ALA B 182 -12.77 -16.59 -15.69
CA ALA B 182 -12.41 -17.98 -15.47
C ALA B 182 -12.06 -18.30 -14.01
N ILE B 183 -12.09 -17.30 -13.11
CA ILE B 183 -11.69 -17.52 -11.71
C ILE B 183 -12.86 -18.14 -10.96
N ARG B 184 -12.58 -19.20 -10.18
CA ARG B 184 -13.61 -19.90 -9.43
C ARG B 184 -13.69 -19.30 -8.03
N PHE B 185 -14.49 -18.25 -7.90
CA PHE B 185 -14.85 -17.74 -6.58
C PHE B 185 -15.99 -18.59 -6.05
N ASN B 186 -15.83 -19.15 -4.85
CA ASN B 186 -16.91 -19.89 -4.24
C ASN B 186 -17.89 -18.91 -3.61
N PRO B 187 -19.17 -18.89 -4.02
CA PRO B 187 -20.11 -17.95 -3.42
C PRO B 187 -20.22 -18.06 -1.91
N ALA B 188 -19.93 -19.23 -1.34
CA ALA B 188 -19.92 -19.37 0.10
C ALA B 188 -18.90 -18.47 0.77
N ASP B 189 -17.86 -18.04 0.06
CA ASP B 189 -16.84 -17.15 0.60
C ASP B 189 -17.10 -15.68 0.28
N THR B 190 -18.19 -15.39 -0.41
CA THR B 190 -18.56 -14.01 -0.70
C THR B 190 -19.25 -13.44 0.53
N ALA B 191 -18.85 -12.22 0.90
CA ALA B 191 -19.36 -11.58 2.09
C ALA B 191 -19.43 -10.08 1.85
N LEU B 192 -20.23 -9.42 2.67
CA LEU B 192 -20.29 -7.96 2.66
C LEU B 192 -19.02 -7.41 3.28
N GLU B 193 -18.29 -6.60 2.51
CA GLU B 193 -17.07 -6.00 2.99
C GLU B 193 -16.99 -4.55 2.53
N LEU B 194 -16.31 -3.74 3.32
CA LEU B 194 -16.07 -2.35 2.97
C LEU B 194 -15.35 -2.26 1.63
N PHE B 195 -15.77 -1.28 0.83
CA PHE B 195 -15.06 -0.83 -0.36
C PHE B 195 -14.95 0.69 -0.28
N GLN B 196 -13.76 1.22 -0.53
CA GLN B 196 -13.49 2.65 -0.33
C GLN B 196 -14.01 3.47 -1.50
N PHE B 197 -15.33 3.50 -1.65
CA PHE B 197 -15.94 4.25 -2.73
C PHE B 197 -15.66 5.74 -2.53
N ILE B 198 -15.44 6.45 -3.64
CA ILE B 198 -15.11 7.87 -3.55
C ILE B 198 -16.26 8.66 -2.93
N ASN B 199 -17.52 8.23 -3.16
CA ASN B 199 -18.71 8.90 -2.66
C ASN B 199 -19.27 8.26 -1.39
N ALA B 200 -18.67 7.18 -0.91
CA ALA B 200 -19.20 6.45 0.24
C ALA B 200 -18.09 5.56 0.78
N PRO B 201 -17.09 6.13 1.45
CA PRO B 201 -15.84 5.36 1.70
C PRO B 201 -15.97 4.23 2.72
N THR B 202 -17.10 4.10 3.43
CA THR B 202 -17.31 2.99 4.36
C THR B 202 -18.44 2.06 3.95
N GLN B 203 -18.98 2.20 2.73
CA GLN B 203 -20.06 1.35 2.26
C GLN B 203 -19.60 -0.08 2.06
N ARG B 204 -20.40 -1.04 2.52
CA ARG B 204 -20.09 -2.46 2.37
C ARG B 204 -20.86 -3.04 1.18
N VAL B 205 -20.17 -3.87 0.39
CA VAL B 205 -20.79 -4.52 -0.75
C VAL B 205 -20.26 -5.93 -0.86
N SER B 206 -21.02 -6.76 -1.57
CA SER B 206 -20.65 -8.15 -1.76
CA SER B 206 -20.65 -8.16 -1.77
C SER B 206 -19.27 -8.25 -2.41
N THR B 207 -18.37 -8.96 -1.73
CA THR B 207 -16.98 -9.05 -2.12
C THR B 207 -16.64 -10.53 -2.19
N MET B 208 -16.12 -10.93 -3.35
CA MET B 208 -15.72 -12.30 -3.60
C MET B 208 -14.32 -12.52 -3.07
N HIS B 209 -14.04 -13.75 -2.66
CA HIS B 209 -12.77 -14.10 -2.06
C HIS B 209 -12.38 -15.51 -2.50
N THR B 210 -11.16 -15.67 -3.00
CA THR B 210 -10.65 -17.00 -3.31
C THR B 210 -9.14 -16.98 -3.25
N THR B 211 -8.58 -18.18 -3.25
CA THR B 211 -7.18 -18.41 -3.49
C THR B 211 -7.08 -18.97 -4.89
N ALA B 212 -6.32 -18.30 -5.74
CA ALA B 212 -6.25 -18.71 -7.13
C ALA B 212 -4.86 -18.49 -7.68
N PHE B 213 -4.55 -19.27 -8.71
CA PHE B 213 -3.24 -19.26 -9.37
C PHE B 213 -3.35 -18.25 -10.51
N VAL B 214 -2.92 -17.03 -10.26
CA VAL B 214 -3.19 -15.96 -11.20
CA VAL B 214 -3.22 -15.85 -11.07
C VAL B 214 -1.91 -15.22 -11.53
N ARG B 215 -1.88 -14.72 -12.76
CA ARG B 215 -0.77 -13.90 -13.23
C ARG B 215 -0.80 -12.54 -12.51
N ARG B 216 0.32 -12.16 -11.92
CA ARG B 216 0.36 -10.96 -11.10
C ARG B 216 1.73 -10.32 -11.21
N CYS B 217 1.77 -9.04 -10.84
CA CYS B 217 3.04 -8.34 -10.69
C CYS B 217 2.85 -7.08 -9.87
N LEU B 218 3.97 -6.48 -9.51
CA LEU B 218 4.01 -5.13 -8.96
C LEU B 218 4.51 -4.15 -10.01
N HIS B 219 4.07 -2.90 -9.88
CA HIS B 219 4.58 -1.83 -10.73
C HIS B 219 4.87 -0.63 -9.83
N ASN B 220 6.10 -0.57 -9.32
CA ASN B 220 6.45 0.47 -8.37
C ASN B 220 6.40 1.86 -9.00
N GLU B 221 6.66 1.96 -10.29
CA GLU B 221 6.71 3.28 -10.91
C GLU B 221 5.31 3.86 -11.12
N LEU B 222 4.36 3.03 -11.59
CA LEU B 222 2.97 3.47 -11.66
C LEU B 222 2.32 3.49 -10.28
N ARG B 223 2.89 2.75 -9.33
CA ARG B 223 2.41 2.61 -7.97
C ARG B 223 1.12 1.82 -7.94
N CYS B 224 1.14 0.60 -8.49
CA CYS B 224 -0.03 -0.25 -8.42
C CYS B 224 0.38 -1.73 -8.41
N LYS B 225 -0.49 -2.53 -7.84
CA LYS B 225 -0.47 -3.96 -8.01
C LYS B 225 -1.28 -4.32 -9.24
N VAL B 226 -0.93 -5.44 -9.87
CA VAL B 226 -1.58 -5.88 -11.10
C VAL B 226 -1.93 -7.36 -11.01
N VAL B 227 -3.13 -7.72 -11.45
CA VAL B 227 -3.44 -9.10 -11.82
C VAL B 227 -4.03 -9.09 -13.22
N ASP B 228 -3.84 -10.21 -13.91
CA ASP B 228 -4.43 -10.43 -15.22
C ASP B 228 -5.25 -11.71 -15.13
N MET B 229 -6.56 -11.56 -15.15
CA MET B 229 -7.51 -12.67 -14.90
C MET B 229 -8.18 -13.06 -16.21
N PRO B 230 -7.98 -14.27 -16.72
CA PRO B 230 -8.66 -14.65 -17.95
C PRO B 230 -10.16 -14.77 -17.77
N PHE B 231 -10.87 -14.41 -18.82
CA PHE B 231 -12.27 -14.80 -18.95
C PHE B 231 -12.34 -16.25 -19.40
N ASP B 232 -13.55 -16.78 -19.50
CA ASP B 232 -13.75 -18.13 -20.00
C ASP B 232 -12.92 -18.33 -21.25
N ALA B 233 -12.30 -19.50 -21.36
CA ALA B 233 -11.36 -19.74 -22.44
C ALA B 233 -12.02 -19.53 -23.81
N ALA B 234 -13.35 -19.73 -23.90
CA ALA B 234 -14.06 -19.59 -25.17
C ALA B 234 -14.07 -18.16 -25.71
N SER B 235 -13.61 -17.18 -24.95
CA SER B 235 -13.69 -15.79 -25.33
C SER B 235 -12.39 -15.22 -25.86
N GLY B 236 -11.24 -15.81 -25.50
CA GLY B 236 -9.96 -15.21 -25.85
C GLY B 236 -9.65 -13.88 -25.18
N LEU B 237 -10.33 -13.55 -24.09
CA LEU B 237 -10.18 -12.26 -23.42
C LEU B 237 -9.66 -12.44 -22.00
N SER B 238 -9.05 -11.36 -21.49
CA SER B 238 -8.55 -11.32 -20.12
C SER B 238 -8.80 -9.93 -19.56
N MET B 239 -8.92 -9.84 -18.23
CA MET B 239 -9.12 -8.57 -17.54
C MET B 239 -7.88 -8.23 -16.73
N LEU B 240 -7.23 -7.13 -17.10
CA LEU B 240 -6.11 -6.61 -16.35
C LEU B 240 -6.66 -5.62 -15.33
N VAL B 241 -6.34 -5.81 -14.06
CA VAL B 241 -6.79 -4.95 -12.99
C VAL B 241 -5.58 -4.26 -12.39
N LEU B 242 -5.63 -2.94 -12.36
CA LEU B 242 -4.59 -2.08 -11.78
C LEU B 242 -5.15 -1.49 -10.50
N LEU B 243 -4.59 -1.91 -9.37
CA LEU B 243 -5.00 -1.51 -8.03
C LEU B 243 -3.95 -0.59 -7.44
N PRO B 244 -4.21 0.70 -7.32
CA PRO B 244 -3.20 1.59 -6.75
C PRO B 244 -2.73 1.14 -5.38
N TYR B 245 -1.44 1.33 -5.13
CA TYR B 245 -0.90 1.16 -3.79
C TYR B 245 -1.64 2.04 -2.79
N ASP B 246 -1.66 1.58 -1.54
CA ASP B 246 -2.20 2.43 -0.50
C ASP B 246 -1.48 3.76 -0.53
N GLY B 247 -2.24 4.83 -0.33
CA GLY B 247 -1.67 6.15 -0.38
C GLY B 247 -1.54 6.74 -1.77
N THR B 248 -1.95 6.03 -2.80
CA THR B 248 -1.92 6.52 -4.17
C THR B 248 -3.35 6.58 -4.68
N GLU B 249 -3.73 7.72 -5.24
CA GLU B 249 -5.06 7.87 -5.83
C GLU B 249 -5.10 7.28 -7.24
N LEU B 250 -6.25 6.73 -7.60
CA LEU B 250 -6.41 6.10 -8.91
C LEU B 250 -6.08 7.07 -10.03
N ARG B 251 -6.41 8.35 -9.85
CA ARG B 251 -6.14 9.32 -10.91
C ARG B 251 -4.65 9.32 -11.27
N GLN B 252 -3.77 9.01 -10.32
CA GLN B 252 -2.34 8.99 -10.62
C GLN B 252 -1.98 7.88 -11.58
N ILE B 253 -2.70 6.76 -11.52
CA ILE B 253 -2.46 5.68 -12.47
C ILE B 253 -3.01 6.06 -13.83
N VAL B 254 -4.26 6.54 -13.87
CA VAL B 254 -4.93 6.86 -15.12
C VAL B 254 -4.13 7.89 -15.89
N ASN B 255 -3.59 8.90 -15.18
CA ASN B 255 -2.94 10.01 -15.87
C ASN B 255 -1.54 9.69 -16.30
N SER B 256 -0.91 8.65 -15.72
CA SER B 256 0.48 8.32 -16.00
C SER B 256 0.66 7.14 -16.92
N ILE B 257 -0.33 6.26 -17.05
CA ILE B 257 -0.10 5.00 -17.75
C ILE B 257 0.16 5.24 -19.23
N THR B 258 1.12 4.50 -19.78
CA THR B 258 1.50 4.52 -21.19
C THR B 258 1.51 3.11 -21.76
N PRO B 259 1.52 2.98 -23.08
CA PRO B 259 1.70 1.64 -23.67
C PRO B 259 2.97 0.96 -23.23
N ALA B 260 4.03 1.71 -22.93
CA ALA B 260 5.26 1.09 -22.43
C ALA B 260 5.02 0.41 -21.10
N HIS B 261 4.18 1.00 -20.25
CA HIS B 261 3.80 0.34 -19.01
C HIS B 261 3.08 -0.97 -19.26
N LEU B 262 2.20 -1.01 -20.26
CA LEU B 262 1.52 -2.28 -20.53
C LEU B 262 2.52 -3.34 -20.99
N ALA B 263 3.51 -2.95 -21.80
CA ALA B 263 4.54 -3.90 -22.22
C ALA B 263 5.38 -4.37 -21.04
N GLN B 264 5.68 -3.46 -20.10
CA GLN B 264 6.43 -3.88 -18.91
C GLN B 264 5.61 -4.85 -18.10
N ILE B 265 4.34 -4.54 -17.93
CA ILE B 265 3.45 -5.45 -17.21
C ILE B 265 3.45 -6.83 -17.86
N ASP B 266 3.29 -6.87 -19.19
CA ASP B 266 3.26 -8.17 -19.87
C ASP B 266 4.55 -8.95 -19.65
N GLU B 267 5.70 -8.27 -19.54
CA GLU B 267 6.97 -8.96 -19.31
C GLU B 267 7.09 -9.45 -17.85
N ARG B 268 6.49 -8.74 -16.90
CA ARG B 268 6.64 -9.02 -15.48
C ARG B 268 5.63 -10.01 -14.93
N LEU B 269 4.44 -10.09 -15.53
CA LEU B 269 3.38 -10.93 -14.99
C LEU B 269 3.86 -12.37 -14.87
N GLN B 270 3.58 -12.97 -13.72
CA GLN B 270 3.95 -14.35 -13.47
C GLN B 270 2.87 -14.96 -12.60
N SER B 271 2.51 -16.20 -12.88
CA SER B 271 1.46 -16.85 -12.10
C SER B 271 1.97 -17.15 -10.69
N CYS B 272 1.08 -16.92 -9.72
CA CYS B 272 1.39 -17.03 -8.30
C CYS B 272 0.07 -17.34 -7.59
N TRP B 273 0.11 -18.19 -6.57
CA TRP B 273 -1.05 -18.39 -5.71
C TRP B 273 -1.34 -17.09 -4.96
N THR B 274 -2.53 -16.56 -5.17
CA THR B 274 -2.89 -15.20 -4.78
C THR B 274 -4.14 -15.26 -3.92
N ASP B 275 -4.09 -14.59 -2.77
CA ASP B 275 -5.30 -14.36 -2.00
C ASP B 275 -6.01 -13.17 -2.60
N LEU B 276 -7.11 -13.43 -3.29
CA LEU B 276 -7.75 -12.50 -4.20
C LEU B 276 -9.12 -12.11 -3.66
N LYS B 277 -9.35 -10.80 -3.53
CA LYS B 277 -10.67 -10.25 -3.22
C LYS B 277 -11.03 -9.22 -4.26
N LEU B 278 -12.26 -9.31 -4.78
CA LEU B 278 -12.75 -8.43 -5.80
C LEU B 278 -14.23 -8.23 -5.50
N PRO B 279 -14.74 -7.00 -5.58
CA PRO B 279 -16.18 -6.84 -5.45
C PRO B 279 -16.90 -7.56 -6.59
N LYS B 280 -18.06 -8.13 -6.27
CA LYS B 280 -18.96 -8.57 -7.32
C LYS B 280 -19.58 -7.32 -7.92
N PHE B 281 -19.28 -7.00 -9.16
CA PHE B 281 -19.59 -5.68 -9.66
C PHE B 281 -19.96 -5.74 -11.14
N PHE B 282 -20.64 -4.70 -11.58
CA PHE B 282 -20.83 -4.46 -12.98
C PHE B 282 -20.61 -2.98 -13.23
N VAL B 283 -20.33 -2.66 -14.48
CA VAL B 283 -20.33 -1.29 -14.95
C VAL B 283 -21.18 -1.28 -16.22
N ARG B 284 -22.17 -0.40 -16.28
CA ARG B 284 -22.99 -0.21 -17.47
C ARG B 284 -23.12 1.30 -17.61
N GLU B 285 -22.33 1.88 -18.52
CA GLU B 285 -22.14 3.31 -18.54
C GLU B 285 -22.28 3.84 -19.95
N LYS B 286 -23.07 4.90 -20.06
CA LYS B 286 -23.27 5.67 -21.26
C LYS B 286 -22.25 6.79 -21.27
N THR B 287 -21.55 6.96 -22.37
CA THR B 287 -20.54 8.00 -22.53
C THR B 287 -20.73 8.72 -23.86
N ASP B 288 -19.92 9.75 -24.07
CA ASP B 288 -20.11 10.71 -25.16
C ASP B 288 -18.81 10.86 -25.94
N PRO B 289 -18.54 9.98 -26.90
CA PRO B 289 -17.37 10.14 -27.76
C PRO B 289 -17.26 11.50 -28.43
N LYS B 290 -18.38 12.14 -28.76
CA LYS B 290 -18.27 13.47 -29.35
C LYS B 290 -17.53 14.40 -28.42
N GLN B 291 -17.85 14.35 -27.12
CA GLN B 291 -17.19 15.21 -26.15
C GLN B 291 -15.73 14.81 -25.97
N THR B 292 -15.45 13.51 -25.84
CA THR B 292 -14.09 13.08 -25.57
C THR B 292 -13.18 13.32 -26.77
N LEU B 293 -13.64 12.99 -27.97
CA LEU B 293 -12.86 13.24 -29.16
C LEU B 293 -12.61 14.73 -29.33
N GLY B 294 -13.58 15.57 -28.96
CA GLY B 294 -13.33 17.00 -28.99
C GLY B 294 -12.20 17.40 -28.05
N LYS B 295 -12.21 16.85 -26.84
CA LYS B 295 -11.17 17.16 -25.86
C LYS B 295 -9.80 16.71 -26.35
N LEU B 296 -9.74 15.61 -27.12
CA LEU B 296 -8.50 15.12 -27.69
C LEU B 296 -8.02 15.94 -28.88
N GLY B 297 -8.83 16.85 -29.39
CA GLY B 297 -8.48 17.65 -30.54
C GLY B 297 -9.04 17.19 -31.85
N TYR B 298 -10.00 16.26 -31.83
CA TYR B 298 -10.58 15.69 -33.04
C TYR B 298 -12.05 16.01 -33.18
N GLY B 299 -12.45 17.20 -32.76
CA GLY B 299 -13.84 17.64 -32.80
C GLY B 299 -14.36 18.01 -34.17
N GLY B 300 -13.50 18.10 -35.18
CA GLY B 300 -13.90 18.62 -36.48
C GLY B 300 -15.15 17.96 -37.06
N VAL B 301 -15.23 16.64 -37.01
CA VAL B 301 -16.34 15.95 -37.64
C VAL B 301 -17.67 16.30 -36.99
N PHE B 302 -17.65 16.80 -35.75
CA PHE B 302 -18.86 17.20 -35.04
C PHE B 302 -19.14 18.70 -35.14
N GLU B 303 -18.19 19.47 -35.66
CA GLU B 303 -18.26 20.92 -35.63
C GLU B 303 -18.34 21.55 -37.01
N ILE B 304 -17.81 20.88 -38.03
CA ILE B 304 -17.81 21.33 -39.42
C ILE B 304 -18.75 20.42 -40.20
N ASP B 305 -19.48 20.99 -41.15
CA ASP B 305 -20.38 20.22 -41.99
C ASP B 305 -19.57 19.65 -43.14
N ASP B 306 -19.09 18.42 -42.95
CA ASP B 306 -18.08 17.87 -43.84
C ASP B 306 -18.36 16.47 -44.35
N LEU B 307 -19.45 15.82 -43.92
CA LEU B 307 -19.77 14.46 -44.37
C LEU B 307 -20.80 14.47 -45.47
N HIS B 308 -20.52 13.74 -46.56
CA HIS B 308 -21.44 13.65 -47.69
C HIS B 308 -22.34 12.43 -47.48
N VAL B 309 -23.52 12.68 -46.94
CA VAL B 309 -24.46 11.64 -46.58
C VAL B 309 -25.72 11.71 -47.43
N PHE B 310 -26.21 12.91 -47.71
CA PHE B 310 -27.51 13.12 -48.31
C PHE B 310 -27.40 13.54 -49.76
N HIS B 311 -28.47 13.26 -50.49
CA HIS B 311 -28.52 13.52 -51.92
C HIS B 311 -28.42 15.02 -52.24
N ASP B 312 -29.25 15.84 -51.60
CA ASP B 312 -29.36 17.24 -52.02
C ASP B 312 -29.52 18.21 -50.85
N SER B 313 -29.01 17.86 -49.68
CA SER B 313 -29.13 18.68 -48.50
C SER B 313 -27.84 19.40 -48.11
N GLY B 314 -26.72 19.10 -48.72
CA GLY B 314 -25.44 19.64 -48.31
C GLY B 314 -24.73 18.73 -47.31
N ARG B 315 -23.40 18.85 -47.26
CA ARG B 315 -22.64 18.07 -46.30
C ARG B 315 -23.15 18.34 -44.90
N THR B 316 -23.07 17.31 -44.04
CA THR B 316 -23.53 17.42 -42.67
C THR B 316 -22.42 17.05 -41.70
N ARG B 317 -22.46 17.66 -40.52
CA ARG B 317 -21.67 17.18 -39.41
C ARG B 317 -22.30 15.93 -38.83
N LEU B 318 -21.53 15.22 -38.02
CA LEU B 318 -22.08 14.16 -37.21
C LEU B 318 -22.67 14.83 -35.96
N ASN B 319 -24.00 14.74 -35.81
CA ASN B 319 -24.66 15.54 -34.78
C ASN B 319 -24.50 14.95 -33.39
N GLY B 320 -24.25 13.66 -33.29
CA GLY B 320 -24.00 13.04 -32.00
C GLY B 320 -23.38 11.69 -32.19
N PHE B 321 -22.70 11.25 -31.14
CA PHE B 321 -22.08 9.93 -31.12
C PHE B 321 -22.06 9.51 -29.66
N ILE B 322 -22.89 8.51 -29.30
CA ILE B 322 -23.03 8.03 -27.93
C ILE B 322 -22.55 6.58 -27.90
N GLN B 323 -21.81 6.24 -26.85
CA GLN B 323 -21.40 4.87 -26.60
C GLN B 323 -21.99 4.37 -25.28
N HIS B 324 -22.30 3.09 -25.22
CA HIS B 324 -22.75 2.49 -23.98
C HIS B 324 -22.04 1.16 -23.88
N CYS B 325 -21.40 0.91 -22.74
CA CYS B 325 -20.60 -0.29 -22.56
C CYS B 325 -21.07 -1.04 -21.31
N TYR B 326 -20.85 -2.34 -21.34
CA TYR B 326 -21.27 -3.23 -20.28
C TYR B 326 -20.17 -4.24 -19.97
N LEU B 327 -20.01 -4.51 -18.68
CA LEU B 327 -19.14 -5.57 -18.17
C LEU B 327 -19.68 -5.99 -16.82
N ALA B 328 -19.68 -7.28 -16.57
CA ALA B 328 -20.08 -7.82 -15.28
C ALA B 328 -19.07 -8.84 -14.80
N VAL B 329 -18.84 -8.86 -13.49
CA VAL B 329 -17.92 -9.79 -12.85
C VAL B 329 -18.62 -10.39 -11.63
N SER B 330 -18.72 -11.71 -11.58
CA SER B 330 -19.33 -12.41 -10.46
C SER B 330 -18.65 -13.78 -10.33
N GLU B 331 -19.22 -14.64 -9.49
CA GLU B 331 -18.58 -15.93 -9.23
C GLU B 331 -18.75 -16.88 -10.41
N SER B 332 -17.68 -17.63 -10.69
CA SER B 332 -17.67 -18.83 -11.57
C SER B 332 -16.83 -18.62 -12.84
N GLY B 335 -13.85 -21.86 -14.12
CA GLY B 335 -14.60 -22.34 -12.98
C GLY B 335 -13.97 -23.54 -12.28
N ILE B 336 -12.70 -23.43 -11.90
CA ILE B 336 -11.95 -24.51 -11.25
C ILE B 336 -11.36 -23.99 -9.94
N PRO B 337 -11.79 -24.43 -8.77
CA PRO B 337 -11.28 -23.86 -7.53
C PRO B 337 -9.95 -24.48 -7.14
N ALA B 338 -9.27 -23.79 -6.23
CA ALA B 338 -8.02 -24.31 -5.70
C ALA B 338 -8.30 -25.51 -4.82
N PRO B 339 -7.40 -26.49 -4.77
CA PRO B 339 -7.51 -27.52 -3.76
C PRO B 339 -7.59 -26.88 -2.39
N PRO B 340 -8.19 -27.53 -1.40
CA PRO B 340 -8.32 -26.90 -0.09
C PRO B 340 -6.97 -26.82 0.62
N ASP B 341 -6.82 -25.75 1.41
CA ASP B 341 -5.59 -25.50 2.17
C ASP B 341 -4.44 -25.07 1.28
N THR B 342 -4.71 -24.39 0.17
CA THR B 342 -3.64 -23.94 -0.71
C THR B 342 -3.03 -22.63 -0.19
N PRO B 343 -1.75 -22.59 0.10
CA PRO B 343 -1.14 -21.35 0.58
C PRO B 343 -0.98 -20.35 -0.56
N SER B 344 -0.97 -19.06 -0.19
CA SER B 344 -0.74 -18.00 -1.13
C SER B 344 0.57 -17.27 -0.83
N GLU B 345 1.06 -16.56 -1.86
CA GLU B 345 2.31 -15.81 -1.80
C GLU B 345 2.14 -14.38 -2.32
N PHE B 346 0.90 -13.92 -2.53
CA PHE B 346 0.62 -12.59 -3.00
C PHE B 346 -0.81 -12.29 -2.54
N GLU B 347 -1.06 -11.07 -2.12
CA GLU B 347 -2.39 -10.63 -1.75
C GLU B 347 -2.82 -9.55 -2.74
N PHE B 348 -4.03 -9.67 -3.26
CA PHE B 348 -4.59 -8.65 -4.13
C PHE B 348 -6.03 -8.44 -3.67
N HIS B 349 -6.23 -7.42 -2.84
CA HIS B 349 -7.53 -7.15 -2.21
C HIS B 349 -8.00 -5.84 -2.79
N ALA B 350 -8.84 -5.91 -3.82
CA ALA B 350 -9.30 -4.72 -4.52
C ALA B 350 -10.47 -4.12 -3.74
N ASN B 351 -10.13 -3.38 -2.68
CA ASN B 351 -11.10 -2.78 -1.77
C ASN B 351 -11.10 -1.26 -1.86
N ARG B 352 -10.59 -0.72 -2.96
CA ARG B 352 -10.51 0.70 -3.23
C ARG B 352 -10.52 0.87 -4.73
N PRO B 353 -10.73 2.10 -5.23
CA PRO B 353 -10.95 2.28 -6.67
C PRO B 353 -9.82 1.72 -7.52
N PHE B 354 -10.21 1.07 -8.62
CA PHE B 354 -9.29 0.41 -9.50
C PHE B 354 -9.65 0.67 -10.97
N MET B 355 -8.65 0.50 -11.83
CA MET B 355 -8.82 0.57 -13.27
C MET B 355 -8.78 -0.85 -13.83
N PHE B 356 -9.53 -1.07 -14.91
CA PHE B 356 -9.49 -2.36 -15.58
C PHE B 356 -9.34 -2.17 -17.08
N LEU B 357 -8.72 -3.16 -17.71
CA LEU B 357 -8.52 -3.20 -19.15
C LEU B 357 -8.91 -4.58 -19.63
N ILE B 358 -9.85 -4.65 -20.55
CA ILE B 358 -10.26 -5.91 -21.16
C ILE B 358 -9.47 -6.04 -22.45
N ARG B 359 -8.65 -7.08 -22.53
CA ARG B 359 -7.72 -7.24 -23.63
C ARG B 359 -7.91 -8.60 -24.29
N ARG B 360 -7.56 -8.63 -25.58
CA ARG B 360 -7.39 -9.89 -26.27
C ARG B 360 -6.10 -10.51 -25.76
N THR B 361 -6.19 -11.75 -25.28
CA THR B 361 -5.01 -12.39 -24.69
CA THR B 361 -5.01 -12.38 -24.69
C THR B 361 -3.89 -12.53 -25.71
N MET B 362 -4.24 -12.86 -26.97
CA MET B 362 -3.22 -13.21 -27.97
C MET B 362 -2.28 -12.04 -28.27
N ASP B 363 -2.82 -10.82 -28.38
CA ASP B 363 -2.03 -9.69 -28.88
C ASP B 363 -2.03 -8.47 -27.95
N GLY B 364 -2.73 -8.53 -26.83
CA GLY B 364 -2.80 -7.42 -25.92
C GLY B 364 -3.64 -6.26 -26.38
N ASN B 365 -4.44 -6.43 -27.43
CA ASN B 365 -5.22 -5.28 -27.90
C ASN B 365 -6.28 -4.94 -26.86
N VAL B 366 -6.36 -3.67 -26.48
CA VAL B 366 -7.34 -3.24 -25.45
C VAL B 366 -8.68 -3.00 -26.11
N LEU B 367 -9.70 -3.74 -25.68
CA LEU B 367 -11.04 -3.66 -26.25
C LEU B 367 -11.98 -2.82 -25.43
N GLN B 368 -11.75 -2.71 -24.12
CA GLN B 368 -12.58 -1.96 -23.21
C GLN B 368 -11.69 -1.52 -22.07
N VAL B 369 -11.92 -0.34 -21.55
CA VAL B 369 -11.18 0.17 -20.42
C VAL B 369 -12.13 0.95 -19.52
N GLY B 370 -11.90 0.88 -18.21
CA GLY B 370 -12.79 1.56 -17.31
C GLY B 370 -12.26 1.62 -15.90
N ASN B 371 -13.11 2.08 -15.01
CA ASN B 371 -12.77 2.13 -13.60
C ASN B 371 -14.00 1.86 -12.76
N PHE B 372 -13.75 1.35 -11.56
CA PHE B 372 -14.78 1.10 -10.57
C PHE B 372 -14.42 1.87 -9.31
N SER B 373 -15.16 2.92 -9.01
CA SER B 373 -14.87 3.89 -7.96
C SER B 373 -16.07 4.31 -7.14
N LYS B 374 -17.29 4.22 -7.67
CA LYS B 374 -18.47 4.89 -7.12
C LYS B 374 -19.51 3.88 -6.66
N TYR B 375 -20.13 4.16 -5.50
CA TYR B 375 -21.24 3.35 -5.01
C TYR B 375 -22.53 3.82 -5.68
N ILE B 376 -23.21 2.90 -6.34
CA ILE B 376 -24.53 3.09 -6.92
C ILE B 376 -25.46 2.15 -6.18
N ASP B 377 -26.44 2.70 -5.47
CA ASP B 377 -27.37 1.87 -4.72
C ASP B 377 -28.27 1.12 -5.69
N PRO B 378 -28.31 -0.22 -5.67
CA PRO B 378 -29.17 -0.93 -6.62
C PRO B 378 -30.65 -0.85 -6.29
N ASP B 379 -31.01 -0.67 -5.02
CA ASP B 379 -32.41 -0.50 -4.64
C ASP B 379 -32.88 0.89 -5.02
#